data_4GJ8
#
_entry.id   4GJ8
#
_cell.length_a   66.835
_cell.length_b   110.449
_cell.length_c   127.981
_cell.angle_alpha   90.00
_cell.angle_beta   90.00
_cell.angle_gamma   90.00
#
_symmetry.space_group_name_H-M   'P 21 21 21'
#
loop_
_entity.id
_entity.type
_entity.pdbx_description
1 polymer Renin
2 non-polymer 2-acetamido-2-deoxy-beta-D-glucopyranose
3 non-polymer (2S)-1-(pyrrolidin-1-yl)-3-(9H-thioxanthen-9-yl)propan-2-ol
4 non-polymer 'SULFATE ION'
5 non-polymer (2R)-1-(pyrrolidin-1-yl)-3-(9H-thioxanthen-9-yl)propan-2-ol
6 water water
#
_entity_poly.entity_id   1
_entity_poly.type   'polypeptide(L)'
_entity_poly.pdbx_seq_one_letter_code
;LTLGNTTSSVILTNYMDTQYYGEIGIGTPPQTFKVVFDTGSSNVWVPSSKCSRLYTACVYHKLFDASDSSSYKHNGTELT
LRYSTGTVSGFLSQDIITVGGITVTQMFGEVTEMPALPFMLAEFDGVVGMGFIEQAIGRVTPIFDNIISQGVLKEDVFSF
YYNRDSENSQSLGGQIVLGGSDPQHYEGNFHYINLIKTGVWQIQMKGVSVGSSTLLCEDGCLALVDTGASYISGSTSSIE
KLMEALGAKKRLFDYVVKCNEGPTLPDISFHLGGKEYTLTSADYVFQESYSSKKLCTLAIHAMDIPPPTGPTWALGATFI
RKFYTEFDRRNNRIGFALAR
;
_entity_poly.pdbx_strand_id   A,B
#
loop_
_chem_comp.id
_chem_comp.type
_chem_comp.name
_chem_comp.formula
0LU non-polymer (2S)-1-(pyrrolidin-1-yl)-3-(9H-thioxanthen-9-yl)propan-2-ol 'C20 H23 N O S'
0LW non-polymer (2R)-1-(pyrrolidin-1-yl)-3-(9H-thioxanthen-9-yl)propan-2-ol 'C20 H23 N O S'
NAG D-saccharide, beta linking 2-acetamido-2-deoxy-beta-D-glucopyranose 'C8 H15 N O6'
SO4 non-polymer 'SULFATE ION' 'O4 S -2'
#
# COMPACT_ATOMS: atom_id res chain seq x y z
N LEU A 1 13.44 -41.92 -23.33
CA LEU A 1 14.79 -41.85 -22.80
C LEU A 1 15.24 -40.44 -22.42
N THR A 2 15.32 -40.20 -21.10
CA THR A 2 15.79 -38.93 -20.56
C THR A 2 17.20 -39.11 -19.97
N LEU A 3 18.16 -38.35 -20.54
CA LEU A 3 19.56 -38.36 -20.11
C LEU A 3 19.78 -37.04 -19.36
N GLY A 4 20.34 -37.13 -18.15
CA GLY A 4 20.57 -35.97 -17.29
C GLY A 4 21.78 -35.12 -17.61
N ASN A 5 21.81 -34.46 -18.79
CA ASN A 5 22.89 -33.57 -19.25
C ASN A 5 22.30 -32.21 -19.71
N THR A 6 21.05 -31.90 -19.32
CA THR A 6 20.39 -30.64 -19.71
C THR A 6 20.67 -29.48 -18.73
N THR A 7 20.91 -28.31 -19.30
CA THR A 7 21.11 -27.06 -18.60
C THR A 7 20.47 -25.96 -19.44
N SER A 8 19.21 -25.63 -19.08
CA SER A 8 18.32 -24.63 -19.65
C SER A 8 18.38 -23.25 -18.93
N SER A 9 18.25 -22.14 -19.67
CA SER A 9 18.24 -20.78 -19.10
C SER A 9 17.12 -19.88 -19.54
N VAL A 10 16.57 -19.10 -18.59
CA VAL A 10 15.49 -18.14 -18.82
C VAL A 10 16.07 -16.73 -18.64
N ILE A 11 16.01 -15.90 -19.69
CA ILE A 11 16.45 -14.50 -19.65
C ILE A 11 15.45 -13.67 -18.83
N LEU A 12 15.95 -12.82 -17.93
CA LEU A 12 15.09 -12.02 -17.09
C LEU A 12 15.12 -10.56 -17.47
N THR A 13 14.02 -9.87 -17.16
CA THR A 13 13.89 -8.43 -17.41
C THR A 13 13.98 -7.75 -16.06
N ASN A 14 14.85 -6.73 -15.98
CA ASN A 14 15.04 -5.93 -14.79
C ASN A 14 14.17 -4.67 -14.85
N TYR A 15 13.15 -4.63 -14.02
CA TYR A 15 12.29 -3.46 -13.90
C TYR A 15 12.68 -2.69 -12.64
N MET A 16 13.43 -1.59 -12.82
CA MET A 16 13.83 -0.65 -11.75
C MET A 16 14.50 -1.22 -10.49
N ASP A 17 15.28 -2.32 -10.64
CA ASP A 17 16.00 -3.03 -9.57
C ASP A 17 15.09 -3.64 -8.52
N THR A 18 13.79 -3.75 -8.81
CA THR A 18 12.82 -4.27 -7.86
C THR A 18 12.05 -5.50 -8.37
N GLN A 19 11.92 -5.64 -9.70
CA GLN A 19 11.16 -6.74 -10.28
C GLN A 19 11.97 -7.37 -11.41
N TYR A 20 12.26 -8.67 -11.26
CA TYR A 20 13.02 -9.44 -12.24
C TYR A 20 12.10 -10.55 -12.77
N TYR A 21 11.73 -10.46 -14.06
CA TYR A 21 10.77 -11.39 -14.61
C TYR A 21 11.16 -11.97 -15.94
N GLY A 22 10.77 -13.22 -16.15
CA GLY A 22 10.99 -13.97 -17.38
C GLY A 22 9.74 -14.53 -18.01
N GLU A 23 9.90 -15.22 -19.13
CA GLU A 23 8.76 -15.78 -19.84
C GLU A 23 8.55 -17.24 -19.59
N ILE A 24 7.27 -17.62 -19.46
CA ILE A 24 6.80 -19.01 -19.41
C ILE A 24 5.64 -19.13 -20.39
N GLY A 25 5.51 -20.29 -21.00
CA GLY A 25 4.40 -20.60 -21.90
C GLY A 25 3.49 -21.63 -21.27
N ILE A 26 2.18 -21.37 -21.24
CA ILE A 26 1.20 -22.32 -20.70
C ILE A 26 0.21 -22.75 -21.81
N GLY A 27 -0.01 -24.06 -21.92
CA GLY A 27 -0.96 -24.65 -22.84
C GLY A 27 -0.43 -25.07 -24.18
N THR A 28 -1.37 -25.54 -25.04
CA THR A 28 -1.17 -25.94 -26.43
C THR A 28 -2.22 -25.22 -27.29
N PRO A 29 -1.84 -24.27 -28.16
CA PRO A 29 -0.47 -23.71 -28.38
C PRO A 29 -0.05 -22.88 -27.14
N PRO A 30 1.24 -22.56 -26.91
CA PRO A 30 1.60 -21.84 -25.68
C PRO A 30 1.17 -20.39 -25.58
N GLN A 31 0.60 -20.04 -24.44
CA GLN A 31 0.17 -18.71 -24.06
C GLN A 31 1.30 -18.19 -23.15
N THR A 32 1.98 -17.12 -23.56
CA THR A 32 3.11 -16.60 -22.79
C THR A 32 2.74 -15.64 -21.67
N PHE A 33 3.46 -15.78 -20.55
CA PHE A 33 3.27 -14.92 -19.38
C PHE A 33 4.63 -14.49 -18.85
N LYS A 34 4.69 -13.24 -18.35
CA LYS A 34 5.84 -12.67 -17.63
C LYS A 34 5.66 -13.11 -16.15
N VAL A 35 6.61 -13.87 -15.60
CA VAL A 35 6.55 -14.37 -14.23
C VAL A 35 7.80 -14.03 -13.43
N VAL A 36 7.64 -13.84 -12.14
CA VAL A 36 8.73 -13.71 -11.17
C VAL A 36 9.02 -15.17 -10.69
N PHE A 37 10.29 -15.59 -10.68
CA PHE A 37 10.69 -16.92 -10.18
C PHE A 37 11.10 -16.69 -8.71
N ASP A 38 10.23 -17.15 -7.80
CA ASP A 38 10.30 -16.83 -6.38
C ASP A 38 10.61 -18.01 -5.44
N THR A 39 11.79 -17.97 -4.78
CA THR A 39 12.21 -19.03 -3.87
C THR A 39 11.46 -18.99 -2.54
N GLY A 40 10.84 -17.85 -2.26
CA GLY A 40 10.06 -17.67 -1.04
C GLY A 40 8.68 -18.29 -1.08
N SER A 41 8.24 -18.81 -2.24
CA SER A 41 6.94 -19.46 -2.38
C SER A 41 7.02 -20.72 -3.25
N SER A 42 5.96 -21.53 -3.25
CA SER A 42 5.98 -22.82 -3.96
C SER A 42 4.89 -23.05 -4.99
N ASN A 43 3.95 -22.10 -5.17
CA ASN A 43 2.86 -22.25 -6.14
C ASN A 43 3.11 -21.50 -7.42
N VAL A 44 2.58 -22.04 -8.53
CA VAL A 44 2.59 -21.36 -9.83
C VAL A 44 1.17 -20.78 -10.01
N TRP A 45 1.07 -19.51 -10.43
CA TRP A 45 -0.19 -18.85 -10.70
C TRP A 45 -0.03 -17.78 -11.77
N VAL A 46 -1.05 -17.64 -12.63
CA VAL A 46 -1.16 -16.60 -13.66
C VAL A 46 -2.59 -16.05 -13.59
N PRO A 47 -2.87 -14.81 -14.06
CA PRO A 47 -4.27 -14.36 -14.09
C PRO A 47 -5.12 -15.20 -15.06
N SER A 48 -6.35 -15.46 -14.67
CA SER A 48 -7.31 -16.24 -15.45
C SER A 48 -8.12 -15.37 -16.39
N SER A 49 -8.62 -15.95 -17.51
CA SER A 49 -9.53 -15.25 -18.44
C SER A 49 -10.88 -15.01 -17.74
N LYS A 50 -11.17 -15.82 -16.70
CA LYS A 50 -12.35 -15.78 -15.83
C LYS A 50 -12.24 -14.67 -14.79
N CYS A 51 -11.16 -13.85 -14.84
CA CYS A 51 -11.00 -12.74 -13.91
C CYS A 51 -11.93 -11.59 -14.32
N SER A 52 -12.77 -11.15 -13.37
CA SER A 52 -13.77 -10.08 -13.54
C SER A 52 -13.18 -8.70 -13.91
N THR A 56 -9.49 -6.26 -10.75
CA THR A 56 -9.15 -4.85 -11.01
C THR A 56 -7.75 -4.73 -11.62
N ALA A 57 -6.75 -5.44 -11.09
CA ALA A 57 -5.41 -5.46 -11.68
C ALA A 57 -5.38 -6.29 -13.00
N CYS A 58 -6.34 -7.21 -13.19
CA CYS A 58 -6.46 -8.11 -14.35
C CYS A 58 -6.43 -7.47 -15.71
N VAL A 59 -6.89 -6.25 -15.75
CA VAL A 59 -7.00 -5.36 -16.89
C VAL A 59 -5.63 -4.97 -17.52
N TYR A 60 -4.58 -5.01 -16.72
CA TYR A 60 -3.26 -4.64 -17.17
C TYR A 60 -2.37 -5.85 -17.46
N HIS A 61 -2.90 -7.08 -17.23
CA HIS A 61 -2.13 -8.32 -17.42
C HIS A 61 -2.67 -9.26 -18.46
N LYS A 62 -1.83 -10.18 -18.91
CA LYS A 62 -2.20 -11.26 -19.80
C LYS A 62 -2.99 -12.29 -18.99
N LEU A 63 -4.06 -12.81 -19.58
CA LEU A 63 -4.92 -13.79 -18.94
C LEU A 63 -4.87 -15.11 -19.66
N PHE A 64 -4.84 -16.19 -18.89
CA PHE A 64 -4.85 -17.55 -19.42
C PHE A 64 -6.25 -17.94 -19.74
N ASP A 65 -6.48 -18.35 -21.00
CA ASP A 65 -7.76 -18.85 -21.44
C ASP A 65 -7.66 -20.35 -21.68
N ALA A 66 -8.23 -21.13 -20.76
CA ALA A 66 -8.29 -22.59 -20.80
C ALA A 66 -8.98 -23.08 -22.09
N SER A 67 -10.00 -22.33 -22.56
CA SER A 67 -10.76 -22.66 -23.74
C SER A 67 -9.94 -22.59 -25.05
N ASP A 68 -8.67 -22.10 -24.97
CA ASP A 68 -7.78 -22.01 -26.13
C ASP A 68 -6.65 -23.03 -26.04
N SER A 69 -6.73 -23.93 -25.03
CA SER A 69 -5.70 -24.96 -24.83
C SER A 69 -6.27 -26.36 -24.95
N SER A 70 -5.66 -27.16 -25.84
CA SER A 70 -6.03 -28.55 -26.08
C SER A 70 -5.50 -29.48 -25.00
N SER A 71 -4.38 -29.10 -24.35
CA SER A 71 -3.72 -29.87 -23.28
C SER A 71 -4.26 -29.61 -21.84
N TYR A 72 -5.24 -28.70 -21.69
CA TYR A 72 -5.80 -28.35 -20.41
C TYR A 72 -6.63 -29.45 -19.80
N LYS A 73 -6.49 -29.65 -18.48
CA LYS A 73 -7.30 -30.59 -17.68
C LYS A 73 -7.88 -29.82 -16.52
N HIS A 74 -9.20 -29.82 -16.44
CA HIS A 74 -9.95 -29.13 -15.38
C HIS A 74 -9.68 -29.78 -14.02
N ASN A 75 -9.78 -28.97 -12.95
CA ASN A 75 -9.72 -29.38 -11.57
C ASN A 75 -10.69 -28.48 -10.83
N GLY A 76 -10.41 -27.18 -10.78
CA GLY A 76 -11.28 -26.18 -10.17
C GLY A 76 -11.30 -26.07 -8.66
N THR A 77 -10.36 -26.75 -7.94
CA THR A 77 -10.30 -26.62 -6.47
C THR A 77 -9.96 -25.16 -6.17
N GLU A 78 -10.71 -24.52 -5.24
CA GLU A 78 -10.45 -23.13 -4.83
C GLU A 78 -9.11 -22.99 -4.12
N LEU A 79 -8.40 -21.90 -4.41
CA LEU A 79 -7.06 -21.63 -3.88
C LEU A 79 -6.85 -20.15 -3.58
N THR A 80 -6.21 -19.86 -2.44
CA THR A 80 -5.87 -18.50 -1.98
C THR A 80 -4.38 -18.43 -1.64
N LEU A 81 -3.68 -17.44 -2.23
CA LEU A 81 -2.24 -17.27 -2.02
C LEU A 81 -1.90 -15.95 -1.35
N ARG A 82 -1.36 -16.01 -0.12
CA ARG A 82 -0.98 -14.85 0.67
C ARG A 82 0.49 -14.55 0.46
N TYR A 83 0.81 -13.30 0.04
CA TYR A 83 2.18 -12.78 -0.09
C TYR A 83 2.33 -11.60 0.88
N SER A 84 3.58 -11.18 1.16
CA SER A 84 3.89 -10.03 2.04
C SER A 84 3.11 -8.78 1.62
N THR A 85 3.12 -8.54 0.30
CA THR A 85 2.56 -7.44 -0.48
C THR A 85 1.05 -7.51 -0.67
N GLY A 86 0.54 -8.67 -1.05
CA GLY A 86 -0.88 -8.86 -1.30
C GLY A 86 -1.34 -10.29 -1.43
N THR A 87 -2.67 -10.49 -1.53
CA THR A 87 -3.31 -11.80 -1.65
C THR A 87 -4.08 -11.94 -2.96
N VAL A 88 -3.85 -13.07 -3.67
CA VAL A 88 -4.52 -13.48 -4.91
C VAL A 88 -5.38 -14.70 -4.60
N SER A 89 -6.43 -14.91 -5.41
CA SER A 89 -7.36 -16.01 -5.26
C SER A 89 -7.82 -16.49 -6.62
N GLY A 90 -8.10 -17.78 -6.68
CA GLY A 90 -8.58 -18.41 -7.88
C GLY A 90 -8.86 -19.87 -7.64
N PHE A 91 -8.57 -20.68 -8.67
CA PHE A 91 -8.83 -22.11 -8.66
C PHE A 91 -7.68 -22.88 -9.36
N LEU A 92 -7.63 -24.24 -9.19
CA LEU A 92 -6.58 -25.04 -9.78
C LEU A 92 -6.87 -25.51 -11.15
N SER A 93 -5.85 -25.50 -12.00
CA SER A 93 -5.93 -25.99 -13.36
C SER A 93 -4.63 -26.73 -13.64
N GLN A 94 -4.66 -27.66 -14.59
CA GLN A 94 -3.47 -28.39 -15.00
C GLN A 94 -3.28 -28.16 -16.47
N ASP A 95 -2.04 -27.93 -16.87
CA ASP A 95 -1.67 -27.76 -18.26
C ASP A 95 -0.18 -27.96 -18.42
N ILE A 96 0.32 -27.96 -19.66
CA ILE A 96 1.73 -28.10 -19.91
C ILE A 96 2.39 -26.72 -19.84
N ILE A 97 3.41 -26.60 -19.02
CA ILE A 97 4.17 -25.37 -18.84
C ILE A 97 5.58 -25.49 -19.45
N THR A 98 5.89 -24.58 -20.37
CA THR A 98 7.20 -24.52 -21.00
C THR A 98 8.05 -23.42 -20.36
N VAL A 99 9.18 -23.82 -19.77
CA VAL A 99 10.12 -22.93 -19.09
C VAL A 99 11.54 -23.15 -19.63
N GLY A 100 11.96 -22.23 -20.49
CA GLY A 100 13.26 -22.27 -21.14
C GLY A 100 13.58 -23.56 -21.88
N GLY A 101 12.61 -24.10 -22.60
CA GLY A 101 12.83 -25.34 -23.33
C GLY A 101 12.28 -26.58 -22.66
N ILE A 102 12.38 -26.65 -21.34
CA ILE A 102 11.81 -27.74 -20.54
C ILE A 102 10.26 -27.62 -20.52
N THR A 103 9.55 -28.73 -20.78
CA THR A 103 8.09 -28.83 -20.84
C THR A 103 7.69 -29.70 -19.69
N VAL A 104 6.74 -29.26 -18.87
CA VAL A 104 6.28 -29.98 -17.66
C VAL A 104 4.78 -29.92 -17.53
N THR A 105 4.15 -31.03 -17.13
CA THR A 105 2.71 -31.07 -16.85
C THR A 105 2.55 -30.56 -15.42
N GLN A 106 1.95 -29.39 -15.27
CA GLN A 106 1.87 -28.69 -14.01
C GLN A 106 0.50 -28.26 -13.56
N MET A 107 0.22 -28.44 -12.27
CA MET A 107 -0.98 -27.96 -11.61
C MET A 107 -0.62 -26.53 -11.20
N PHE A 108 -1.45 -25.56 -11.58
CA PHE A 108 -1.19 -24.16 -11.29
C PHE A 108 -2.49 -23.44 -10.95
N GLY A 109 -2.36 -22.22 -10.45
CA GLY A 109 -3.49 -21.39 -10.08
C GLY A 109 -3.90 -20.44 -11.19
N GLU A 110 -5.21 -20.42 -11.48
CA GLU A 110 -5.86 -19.53 -12.44
C GLU A 110 -6.48 -18.46 -11.52
N VAL A 111 -5.84 -17.29 -11.44
CA VAL A 111 -6.22 -16.21 -10.52
C VAL A 111 -7.36 -15.40 -11.07
N THR A 112 -8.46 -15.33 -10.29
CA THR A 112 -9.69 -14.61 -10.62
C THR A 112 -9.90 -13.41 -9.71
N GLU A 113 -9.14 -13.29 -8.63
CA GLU A 113 -9.21 -12.17 -7.70
C GLU A 113 -7.81 -11.60 -7.53
N MET A 114 -7.53 -10.52 -8.27
CA MET A 114 -6.23 -9.85 -8.30
C MET A 114 -6.44 -8.36 -7.98
N PRO A 115 -6.31 -7.96 -6.69
CA PRO A 115 -6.56 -6.54 -6.32
C PRO A 115 -5.64 -5.52 -7.00
N ALA A 116 -6.19 -4.35 -7.34
CA ALA A 116 -5.42 -3.27 -7.98
C ALA A 116 -4.21 -2.91 -7.11
N LEU A 117 -4.35 -2.94 -5.79
CA LEU A 117 -3.21 -2.74 -4.94
C LEU A 117 -2.85 -4.07 -4.26
N PRO A 118 -1.61 -4.59 -4.46
CA PRO A 118 -0.48 -3.97 -5.17
C PRO A 118 -0.29 -4.38 -6.64
N PHE A 119 -1.15 -5.28 -7.18
CA PHE A 119 -0.99 -5.90 -8.50
C PHE A 119 -0.99 -5.04 -9.76
N MET A 120 -1.44 -3.79 -9.64
CA MET A 120 -1.44 -2.78 -10.70
C MET A 120 0.02 -2.32 -10.92
N LEU A 121 0.83 -2.39 -9.83
CA LEU A 121 2.24 -2.07 -9.78
C LEU A 121 3.16 -3.21 -10.25
N ALA A 122 2.60 -4.43 -10.44
CA ALA A 122 3.35 -5.57 -10.94
C ALA A 122 3.50 -5.42 -12.45
N GLU A 123 4.72 -5.61 -12.98
CA GLU A 123 5.02 -5.55 -14.42
C GLU A 123 5.00 -7.00 -14.98
N PHE A 124 4.97 -7.97 -14.08
CA PHE A 124 4.85 -9.38 -14.38
C PHE A 124 3.36 -9.77 -14.28
N ASP A 125 2.99 -10.88 -14.93
CA ASP A 125 1.62 -11.43 -14.91
C ASP A 125 1.36 -12.33 -13.72
N GLY A 126 2.27 -13.27 -13.47
CA GLY A 126 2.13 -14.21 -12.35
C GLY A 126 3.41 -14.58 -11.65
N VAL A 127 3.36 -15.64 -10.84
CA VAL A 127 4.50 -16.10 -10.05
C VAL A 127 4.78 -17.60 -10.24
N VAL A 128 6.05 -17.97 -10.36
CA VAL A 128 6.52 -19.36 -10.42
C VAL A 128 7.27 -19.54 -9.11
N GLY A 129 6.62 -20.18 -8.14
CA GLY A 129 7.20 -20.47 -6.84
C GLY A 129 8.24 -21.55 -6.96
N MET A 130 9.49 -21.20 -6.57
CA MET A 130 10.68 -22.06 -6.66
C MET A 130 11.01 -22.72 -5.32
N GLY A 131 10.10 -22.62 -4.34
CA GLY A 131 10.24 -23.22 -3.01
C GLY A 131 9.84 -24.70 -2.97
N PHE A 132 9.82 -25.29 -1.78
CA PHE A 132 9.53 -26.73 -1.57
C PHE A 132 8.01 -27.03 -1.35
N ILE A 133 7.61 -28.30 -1.58
CA ILE A 133 6.23 -28.79 -1.37
C ILE A 133 5.67 -28.51 0.01
N GLU A 134 6.53 -28.56 1.05
CA GLU A 134 6.21 -28.27 2.46
C GLU A 134 5.50 -26.93 2.63
N GLN A 135 5.78 -25.99 1.71
CA GLN A 135 5.25 -24.62 1.72
C GLN A 135 4.21 -24.34 0.62
N ALA A 136 3.90 -25.38 -0.20
CA ALA A 136 2.92 -25.29 -1.29
C ALA A 136 1.52 -25.34 -0.73
N ILE A 137 0.64 -24.43 -1.19
CA ILE A 137 -0.76 -24.34 -0.76
C ILE A 137 -1.57 -25.33 -1.58
N GLY A 138 -2.38 -26.12 -0.87
CA GLY A 138 -3.17 -27.17 -1.49
C GLY A 138 -2.32 -28.40 -1.79
N ARG A 139 -1.13 -28.45 -1.14
CA ARG A 139 -0.11 -29.49 -1.25
C ARG A 139 0.25 -29.82 -2.71
N VAL A 140 0.07 -28.85 -3.64
CA VAL A 140 0.35 -28.94 -5.08
C VAL A 140 1.85 -29.08 -5.35
N THR A 141 2.24 -30.09 -6.14
CA THR A 141 3.63 -30.35 -6.52
C THR A 141 4.28 -29.15 -7.25
N PRO A 142 5.33 -28.55 -6.64
CA PRO A 142 6.01 -27.39 -7.25
C PRO A 142 6.65 -27.71 -8.58
N ILE A 143 6.80 -26.70 -9.43
CA ILE A 143 7.37 -26.90 -10.79
C ILE A 143 8.76 -27.57 -10.81
N PHE A 144 9.67 -27.14 -9.90
CA PHE A 144 11.02 -27.71 -9.86
C PHE A 144 11.03 -29.18 -9.48
N ASP A 145 10.15 -29.59 -8.52
CA ASP A 145 9.92 -31.00 -8.14
C ASP A 145 9.51 -31.82 -9.36
N ASN A 146 8.63 -31.26 -10.22
CA ASN A 146 8.19 -31.88 -11.46
C ASN A 146 9.29 -32.00 -12.50
N ILE A 147 10.16 -30.99 -12.60
CA ILE A 147 11.32 -30.98 -13.53
C ILE A 147 12.33 -32.04 -13.05
N ILE A 148 12.54 -32.17 -11.71
CA ILE A 148 13.43 -33.17 -11.10
C ILE A 148 12.96 -34.59 -11.46
N SER A 149 11.66 -34.87 -11.33
CA SER A 149 10.99 -36.15 -11.69
C SER A 149 11.20 -36.58 -13.14
N GLN A 150 11.38 -35.61 -14.07
CA GLN A 150 11.64 -35.89 -15.46
C GLN A 150 13.00 -36.48 -15.71
N GLY A 151 13.94 -36.24 -14.79
CA GLY A 151 15.33 -36.69 -14.89
C GLY A 151 16.08 -36.18 -16.11
N VAL A 152 15.93 -34.89 -16.44
CA VAL A 152 16.59 -34.27 -17.60
C VAL A 152 17.76 -33.36 -17.23
N LEU A 153 17.73 -32.79 -16.03
CA LEU A 153 18.72 -31.82 -15.58
C LEU A 153 20.09 -32.40 -15.28
N LYS A 154 21.13 -31.64 -15.65
CA LYS A 154 22.52 -32.00 -15.40
C LYS A 154 22.73 -32.24 -13.92
N GLU A 155 22.24 -31.29 -13.09
CA GLU A 155 22.21 -31.38 -11.63
C GLU A 155 20.91 -30.80 -11.04
N ASP A 156 20.49 -31.28 -9.86
CA ASP A 156 19.21 -30.83 -9.25
C ASP A 156 19.38 -29.51 -8.54
N VAL A 157 19.78 -28.51 -9.33
CA VAL A 157 20.07 -27.14 -8.88
C VAL A 157 19.49 -26.11 -9.83
N PHE A 158 19.32 -24.87 -9.35
CA PHE A 158 18.93 -23.71 -10.13
C PHE A 158 19.63 -22.49 -9.59
N SER A 159 20.06 -21.63 -10.46
CA SER A 159 20.80 -20.47 -10.03
C SER A 159 20.24 -19.18 -10.56
N PHE A 160 20.51 -18.07 -9.86
CA PHE A 160 20.03 -16.74 -10.19
C PHE A 160 21.12 -15.72 -10.37
N TYR A 161 20.97 -14.93 -11.43
CA TYR A 161 21.78 -13.76 -11.75
C TYR A 161 20.84 -12.57 -11.91
N TYR A 162 21.01 -11.54 -11.06
CA TYR A 162 20.24 -10.28 -11.10
C TYR A 162 21.20 -9.17 -11.43
N ASN A 163 21.00 -8.54 -12.56
CA ASN A 163 21.86 -7.43 -12.94
C ASN A 163 21.36 -6.09 -12.34
N ARG A 164 22.21 -5.03 -12.42
CA ARG A 164 21.96 -3.63 -12.01
C ARG A 164 21.38 -2.90 -13.23
N ASP A 165 20.26 -2.16 -13.07
CA ASP A 165 19.58 -1.46 -14.17
C ASP A 165 20.40 -0.37 -14.88
N SER A 169 21.07 0.63 -21.67
CA SER A 169 21.41 0.10 -23.00
C SER A 169 20.85 -1.31 -23.24
N GLN A 170 21.43 -2.08 -24.21
CA GLN A 170 21.02 -3.44 -24.59
C GLN A 170 21.70 -4.53 -23.70
N SER A 171 21.58 -4.37 -22.35
CA SER A 171 22.15 -5.29 -21.38
C SER A 171 21.07 -6.24 -20.85
N LEU A 172 21.50 -7.43 -20.42
CA LEU A 172 20.70 -8.51 -19.86
C LEU A 172 20.31 -8.12 -18.42
N GLY A 173 18.99 -8.12 -18.15
CA GLY A 173 18.45 -7.80 -16.83
C GLY A 173 18.72 -8.83 -15.76
N GLY A 174 18.86 -10.08 -16.18
CA GLY A 174 19.12 -11.20 -15.31
C GLY A 174 18.97 -12.51 -16.04
N GLN A 175 19.18 -13.63 -15.34
CA GLN A 175 19.09 -14.96 -15.90
C GLN A 175 18.92 -16.01 -14.83
N ILE A 176 18.04 -17.01 -15.10
CA ILE A 176 17.88 -18.21 -14.27
C ILE A 176 18.43 -19.39 -15.07
N VAL A 177 19.26 -20.23 -14.43
CA VAL A 177 19.77 -21.43 -15.05
C VAL A 177 19.19 -22.62 -14.28
N LEU A 178 18.44 -23.49 -14.99
CA LEU A 178 17.89 -24.70 -14.40
C LEU A 178 18.84 -25.80 -14.78
N GLY A 179 19.39 -26.48 -13.77
CA GLY A 179 20.34 -27.57 -13.94
C GLY A 179 21.81 -27.21 -13.75
N GLY A 180 22.10 -25.94 -13.47
CA GLY A 180 23.46 -25.49 -13.27
C GLY A 180 23.58 -24.02 -12.93
N SER A 181 24.79 -23.48 -13.08
CA SER A 181 25.17 -22.08 -12.87
C SER A 181 25.90 -21.59 -14.11
N ASP A 182 25.80 -20.28 -14.41
CA ASP A 182 26.47 -19.71 -15.57
C ASP A 182 27.77 -19.05 -15.11
N PRO A 183 28.94 -19.67 -15.39
CA PRO A 183 30.22 -19.08 -14.93
C PRO A 183 30.56 -17.72 -15.52
N GLN A 184 29.82 -17.27 -16.53
CA GLN A 184 29.99 -15.95 -17.12
C GLN A 184 29.44 -14.91 -16.20
N HIS A 185 28.58 -15.29 -15.24
CA HIS A 185 27.98 -14.32 -14.32
C HIS A 185 28.49 -14.30 -12.92
N TYR A 186 29.55 -15.06 -12.63
CA TYR A 186 30.16 -15.01 -11.32
C TYR A 186 31.68 -15.11 -11.41
N GLU A 187 32.36 -14.61 -10.36
CA GLU A 187 33.81 -14.63 -10.17
C GLU A 187 34.12 -15.56 -9.04
N GLY A 188 35.28 -16.21 -9.12
CA GLY A 188 35.79 -17.10 -8.10
C GLY A 188 34.96 -18.35 -7.95
N ASN A 189 34.84 -18.81 -6.70
CA ASN A 189 34.13 -20.03 -6.34
C ASN A 189 32.95 -19.79 -5.43
N PHE A 190 32.04 -20.76 -5.41
CA PHE A 190 30.87 -20.76 -4.57
C PHE A 190 31.25 -21.14 -3.17
N HIS A 191 30.56 -20.56 -2.21
CA HIS A 191 30.70 -20.90 -0.80
C HIS A 191 29.31 -21.32 -0.42
N TYR A 192 29.19 -22.53 0.15
CA TYR A 192 27.90 -23.11 0.46
C TYR A 192 27.56 -23.06 1.90
N ILE A 193 26.28 -22.94 2.17
CA ILE A 193 25.70 -22.88 3.52
C ILE A 193 24.56 -23.90 3.48
N ASN A 194 24.53 -24.81 4.42
CA ASN A 194 23.46 -25.78 4.45
C ASN A 194 22.18 -25.13 4.96
N LEU A 195 21.04 -25.60 4.46
CA LEU A 195 19.74 -25.15 4.96
C LEU A 195 19.57 -25.66 6.39
N ILE A 196 18.90 -24.88 7.28
CA ILE A 196 18.62 -25.31 8.66
C ILE A 196 17.83 -26.61 8.58
N LYS A 197 16.78 -26.61 7.77
CA LYS A 197 15.93 -27.76 7.49
C LYS A 197 15.47 -27.70 6.03
N THR A 198 15.11 -28.85 5.48
CA THR A 198 14.53 -28.90 4.14
C THR A 198 13.09 -28.30 4.23
N GLY A 199 12.54 -27.87 3.10
CA GLY A 199 11.21 -27.29 3.09
C GLY A 199 11.20 -25.78 2.93
N VAL A 200 12.31 -25.12 3.31
CA VAL A 200 12.45 -23.67 3.22
C VAL A 200 13.89 -23.27 2.86
N TRP A 201 14.05 -22.34 1.89
CA TRP A 201 15.35 -21.82 1.43
C TRP A 201 15.87 -20.80 2.47
N GLN A 202 16.11 -21.31 3.70
CA GLN A 202 16.51 -20.53 4.87
C GLN A 202 17.77 -21.10 5.52
N ILE A 203 18.71 -20.19 5.81
CA ILE A 203 20.01 -20.50 6.43
C ILE A 203 20.18 -19.71 7.75
N GLN A 204 21.15 -20.16 8.55
CA GLN A 204 21.48 -19.49 9.80
C GLN A 204 22.38 -18.29 9.44
N MET A 205 22.14 -17.15 10.11
CA MET A 205 22.96 -15.96 9.96
C MET A 205 23.62 -15.72 11.33
N LYS A 206 24.94 -15.48 11.37
CA LYS A 206 25.71 -15.33 12.62
C LYS A 206 25.97 -13.91 13.01
N GLY A 207 25.46 -12.97 12.24
CA GLY A 207 25.63 -11.57 12.58
C GLY A 207 25.45 -10.62 11.44
N VAL A 208 25.03 -9.38 11.77
CA VAL A 208 24.85 -8.25 10.86
C VAL A 208 25.67 -7.12 11.42
N SER A 209 26.62 -6.66 10.63
CA SER A 209 27.55 -5.58 10.99
C SER A 209 27.35 -4.31 10.18
N VAL A 210 27.46 -3.16 10.86
CA VAL A 210 27.44 -1.83 10.26
C VAL A 210 28.86 -1.28 10.46
N GLY A 211 29.62 -1.34 9.37
CA GLY A 211 31.01 -0.97 9.29
C GLY A 211 31.86 -1.90 10.12
N SER A 212 32.34 -1.35 11.23
CA SER A 212 33.18 -1.94 12.27
C SER A 212 32.40 -2.89 13.21
N SER A 213 31.43 -2.31 13.96
CA SER A 213 30.59 -2.97 14.98
C SER A 213 29.43 -3.88 14.47
N THR A 214 29.37 -5.13 15.02
CA THR A 214 28.31 -6.10 14.75
C THR A 214 27.17 -5.74 15.71
N LEU A 215 26.22 -4.92 15.24
CA LEU A 215 25.14 -4.47 16.10
C LEU A 215 23.86 -5.29 16.15
N LEU A 216 23.66 -6.20 15.19
CA LEU A 216 22.45 -7.01 15.19
C LEU A 216 22.76 -8.44 14.96
N CYS A 217 21.77 -9.32 15.20
CA CYS A 217 21.88 -10.77 15.01
C CYS A 217 23.12 -11.35 15.75
N GLU A 218 23.40 -10.80 16.94
CA GLU A 218 24.55 -11.16 17.77
C GLU A 218 24.53 -12.59 18.27
N ASP A 219 23.34 -13.08 18.64
CA ASP A 219 23.17 -14.46 19.10
C ASP A 219 22.58 -15.36 18.01
N GLY A 220 22.80 -14.95 16.77
CA GLY A 220 22.36 -15.65 15.58
C GLY A 220 20.89 -15.43 15.25
N CYS A 221 20.58 -15.57 13.97
CA CYS A 221 19.23 -15.44 13.44
C CYS A 221 19.05 -16.25 12.14
N LEU A 222 17.92 -16.01 11.47
CA LEU A 222 17.64 -16.73 10.25
C LEU A 222 17.71 -15.81 9.07
N ALA A 223 18.02 -16.38 7.89
CA ALA A 223 18.04 -15.63 6.63
C ALA A 223 17.37 -16.44 5.55
N LEU A 224 16.29 -15.93 5.02
CA LEU A 224 15.54 -16.56 3.93
C LEU A 224 16.14 -16.00 2.64
N VAL A 225 16.56 -16.85 1.70
CA VAL A 225 17.18 -16.37 0.45
C VAL A 225 16.05 -16.34 -0.57
N ASP A 226 15.45 -15.12 -0.72
CA ASP A 226 14.23 -14.85 -1.46
C ASP A 226 14.36 -14.08 -2.74
N THR A 227 14.31 -14.81 -3.85
CA THR A 227 14.42 -14.24 -5.19
C THR A 227 13.23 -13.31 -5.54
N GLY A 228 12.10 -13.49 -4.85
CA GLY A 228 10.90 -12.69 -5.10
C GLY A 228 10.85 -11.39 -4.33
N ALA A 229 11.72 -11.25 -3.30
CA ALA A 229 11.84 -10.06 -2.47
C ALA A 229 12.71 -9.03 -3.21
N SER A 230 12.28 -7.77 -3.22
CA SER A 230 13.03 -6.74 -3.90
C SER A 230 14.22 -6.28 -3.08
N TYR A 231 14.08 -6.35 -1.77
CA TYR A 231 15.05 -5.79 -0.87
C TYR A 231 15.63 -6.77 0.13
N ILE A 232 16.44 -6.22 1.00
CA ILE A 232 16.93 -6.92 2.17
C ILE A 232 15.94 -6.47 3.26
N SER A 233 15.29 -7.41 3.92
CA SER A 233 14.37 -7.08 4.99
C SER A 233 14.74 -7.77 6.27
N GLY A 234 14.39 -7.15 7.37
CA GLY A 234 14.55 -7.65 8.72
C GLY A 234 13.25 -7.35 9.46
N SER A 235 13.17 -7.81 10.71
CA SER A 235 12.00 -7.50 11.56
C SER A 235 11.99 -6.00 11.82
N THR A 236 10.79 -5.45 12.09
CA THR A 236 10.56 -4.02 12.40
C THR A 236 11.56 -3.52 13.43
N SER A 237 11.75 -4.34 14.48
CA SER A 237 12.69 -4.11 15.56
C SER A 237 14.12 -4.04 15.05
N SER A 238 14.56 -4.99 14.22
CA SER A 238 15.93 -5.01 13.67
C SER A 238 16.22 -3.84 12.72
N ILE A 239 15.23 -3.52 11.87
CA ILE A 239 15.34 -2.42 10.91
C ILE A 239 15.42 -1.04 11.59
N GLU A 240 14.58 -0.79 12.63
CA GLU A 240 14.58 0.45 13.41
C GLU A 240 15.96 0.73 13.99
N LYS A 241 16.66 -0.33 14.46
CA LYS A 241 18.02 -0.21 15.03
C LYS A 241 19.06 0.06 13.95
N LEU A 242 18.95 -0.66 12.80
CA LEU A 242 19.83 -0.57 11.63
C LEU A 242 19.78 0.84 11.00
N MET A 243 18.56 1.34 10.80
CA MET A 243 18.30 2.64 10.20
C MET A 243 18.82 3.79 11.05
N GLU A 244 18.76 3.62 12.39
CA GLU A 244 19.28 4.56 13.38
C GLU A 244 20.81 4.59 13.26
N ALA A 245 21.46 3.42 13.07
CA ALA A 245 22.92 3.32 12.88
C ALA A 245 23.37 3.91 11.53
N LEU A 246 22.44 3.98 10.56
CA LEU A 246 22.75 4.52 9.24
C LEU A 246 22.43 6.01 9.14
N GLY A 247 21.60 6.51 10.04
CA GLY A 247 21.18 7.90 10.05
C GLY A 247 20.00 8.14 9.14
N ALA A 248 19.38 7.04 8.66
CA ALA A 248 18.22 7.06 7.78
C ALA A 248 16.98 7.46 8.55
N LYS A 249 16.00 8.03 7.85
CA LYS A 249 14.75 8.49 8.42
C LYS A 249 13.57 7.84 7.72
N LYS A 250 12.56 7.48 8.51
CA LYS A 250 11.35 6.82 8.07
C LYS A 250 10.40 7.78 7.34
N ARG A 251 10.01 7.38 6.13
CA ARG A 251 9.01 8.10 5.34
C ARG A 251 7.75 7.23 5.38
N LEU A 252 6.83 7.37 4.43
CA LEU A 252 5.63 6.53 4.50
C LEU A 252 5.97 5.07 4.18
N PHE A 253 6.31 4.74 2.92
CA PHE A 253 6.62 3.35 2.57
C PHE A 253 8.11 2.95 2.62
N ASP A 254 9.02 3.93 2.68
CA ASP A 254 10.46 3.69 2.71
C ASP A 254 11.29 4.43 3.76
N TYR A 255 12.62 4.16 3.78
CA TYR A 255 13.63 4.86 4.57
C TYR A 255 14.48 5.63 3.60
N VAL A 256 14.86 6.86 4.01
CA VAL A 256 15.61 7.78 3.16
C VAL A 256 16.81 8.38 3.87
N VAL A 257 17.78 8.84 3.11
CA VAL A 257 18.96 9.57 3.60
C VAL A 257 19.10 10.76 2.62
N LYS A 258 19.80 11.81 3.02
CA LYS A 258 20.03 12.94 2.13
C LYS A 258 20.97 12.42 1.01
N CYS A 259 20.59 12.63 -0.25
CA CYS A 259 21.36 12.14 -1.40
C CYS A 259 22.87 12.39 -1.36
N ASN A 260 23.28 13.50 -0.75
CA ASN A 260 24.69 13.87 -0.65
C ASN A 260 25.41 12.97 0.39
N GLU A 261 24.67 12.47 1.37
CA GLU A 261 25.19 11.60 2.43
C GLU A 261 25.31 10.14 1.98
N GLY A 262 24.54 9.77 0.95
CA GLY A 262 24.49 8.46 0.34
C GLY A 262 25.83 7.74 0.22
N PRO A 263 26.81 8.26 -0.57
CA PRO A 263 28.10 7.54 -0.67
C PRO A 263 28.94 7.47 0.62
N THR A 264 28.60 8.26 1.66
CA THR A 264 29.34 8.27 2.93
C THR A 264 28.86 7.15 3.87
N LEU A 265 27.70 6.53 3.56
CA LEU A 265 27.09 5.45 4.33
C LEU A 265 27.99 4.23 4.49
N PRO A 266 28.03 3.66 5.72
CA PRO A 266 28.92 2.52 5.97
C PRO A 266 28.50 1.21 5.32
N ASP A 267 29.43 0.23 5.26
CA ASP A 267 29.23 -1.10 4.71
C ASP A 267 28.31 -1.91 5.61
N ILE A 268 27.45 -2.75 5.02
CA ILE A 268 26.58 -3.65 5.78
C ILE A 268 27.08 -5.06 5.51
N SER A 269 27.42 -5.81 6.56
CA SER A 269 27.91 -7.19 6.42
C SER A 269 26.99 -8.23 6.98
N PHE A 270 26.81 -9.32 6.23
CA PHE A 270 25.98 -10.44 6.70
C PHE A 270 26.91 -11.64 6.89
N HIS A 271 27.00 -12.15 8.13
CA HIS A 271 27.85 -13.31 8.46
C HIS A 271 27.08 -14.62 8.20
N LEU A 272 27.41 -15.29 7.08
CA LEU A 272 26.74 -16.52 6.63
C LEU A 272 27.74 -17.62 6.39
N GLY A 273 27.61 -18.72 7.10
CA GLY A 273 28.56 -19.83 7.02
C GLY A 273 29.95 -19.36 7.42
N GLY A 274 30.92 -19.68 6.59
CA GLY A 274 32.29 -19.21 6.88
C GLY A 274 32.56 -17.72 6.77
N LYS A 275 31.90 -17.01 5.84
CA LYS A 275 32.18 -15.62 5.57
C LYS A 275 31.21 -14.50 5.84
N GLU A 276 31.73 -13.30 5.56
CA GLU A 276 31.04 -12.03 5.62
C GLU A 276 30.72 -11.63 4.19
N TYR A 277 29.45 -11.31 3.94
CA TYR A 277 28.96 -10.87 2.65
C TYR A 277 28.67 -9.41 2.85
N THR A 278 29.50 -8.57 2.24
CA THR A 278 29.44 -7.11 2.38
C THR A 278 28.69 -6.41 1.26
N LEU A 279 27.86 -5.44 1.66
CA LEU A 279 27.19 -4.52 0.73
C LEU A 279 27.71 -3.12 1.05
N THR A 280 28.31 -2.44 0.06
CA THR A 280 28.73 -1.04 0.26
C THR A 280 27.48 -0.17 0.04
N SER A 281 27.57 1.16 0.32
CA SER A 281 26.46 2.09 0.11
C SER A 281 25.95 2.05 -1.34
N ALA A 282 26.84 1.84 -2.33
CA ALA A 282 26.50 1.71 -3.75
C ALA A 282 25.55 0.52 -4.08
N ASP A 283 25.53 -0.50 -3.21
CA ASP A 283 24.71 -1.70 -3.32
C ASP A 283 23.33 -1.54 -2.67
N TYR A 284 23.16 -0.54 -1.80
CA TYR A 284 21.88 -0.41 -1.11
C TYR A 284 21.21 0.95 -1.14
N VAL A 285 21.81 1.93 -1.82
CA VAL A 285 21.22 3.27 -1.91
C VAL A 285 20.84 3.52 -3.33
N PHE A 286 19.54 3.89 -3.57
CA PHE A 286 19.10 4.29 -4.92
C PHE A 286 19.56 5.74 -5.07
N GLN A 287 20.78 5.90 -5.56
CA GLN A 287 21.48 7.16 -5.73
C GLN A 287 21.02 7.82 -7.01
N GLU A 288 19.81 8.39 -6.95
CA GLU A 288 19.11 9.05 -8.05
C GLU A 288 19.56 10.52 -8.25
N SER A 289 20.30 11.05 -7.26
CA SER A 289 20.81 12.42 -7.21
C SER A 289 21.96 12.43 -6.23
N TYR A 290 22.72 13.53 -6.18
CA TYR A 290 23.81 13.73 -5.21
C TYR A 290 23.57 15.02 -4.45
N SER A 291 22.37 15.61 -4.63
CA SER A 291 21.97 16.88 -4.00
C SER A 291 21.71 16.73 -2.52
N SER A 292 22.10 17.78 -1.75
CA SER A 292 21.90 17.86 -0.31
C SER A 292 20.44 18.26 0.01
N LYS A 293 19.72 18.68 -1.03
CA LYS A 293 18.33 19.12 -0.94
C LYS A 293 17.32 18.07 -1.38
N LYS A 294 17.80 16.85 -1.69
CA LYS A 294 16.94 15.72 -2.09
C LYS A 294 17.09 14.51 -1.16
N LEU A 295 16.06 13.64 -1.16
CA LEU A 295 16.04 12.44 -0.34
C LEU A 295 16.16 11.18 -1.17
N CYS A 296 17.18 10.34 -0.87
CA CYS A 296 17.49 9.10 -1.56
C CYS A 296 17.03 7.87 -0.78
N THR A 297 16.33 6.95 -1.47
CA THR A 297 15.76 5.71 -0.90
C THR A 297 16.80 4.58 -0.71
N LEU A 298 16.60 3.79 0.35
CA LEU A 298 17.44 2.63 0.64
C LEU A 298 16.73 1.35 0.20
N ALA A 299 17.50 0.42 -0.38
CA ALA A 299 17.02 -0.89 -0.84
C ALA A 299 16.92 -1.90 0.34
N ILE A 300 16.46 -1.41 1.49
CA ILE A 300 16.32 -2.13 2.77
C ILE A 300 15.00 -1.68 3.41
N HIS A 301 14.23 -2.62 3.94
CA HIS A 301 12.95 -2.30 4.57
C HIS A 301 12.60 -3.28 5.66
N ALA A 302 11.46 -3.10 6.33
CA ALA A 302 11.07 -4.05 7.36
C ALA A 302 9.95 -4.91 6.86
N MET A 303 10.03 -6.22 7.12
CA MET A 303 9.00 -7.17 6.75
C MET A 303 8.88 -8.14 7.90
N ASP A 304 7.70 -8.24 8.53
CA ASP A 304 7.55 -9.17 9.65
C ASP A 304 7.02 -10.46 9.10
N ILE A 305 7.92 -11.42 8.90
CA ILE A 305 7.55 -12.70 8.33
C ILE A 305 6.96 -13.56 9.44
N PRO A 306 5.70 -14.03 9.27
CA PRO A 306 5.07 -14.80 10.34
C PRO A 306 5.54 -16.25 10.42
N PRO A 307 5.47 -16.88 11.62
CA PRO A 307 5.81 -18.31 11.72
C PRO A 307 5.00 -19.20 10.75
N PRO A 308 5.46 -20.44 10.39
CA PRO A 308 6.66 -21.16 10.88
C PRO A 308 8.00 -20.61 10.38
N THR A 309 8.01 -19.99 9.18
CA THR A 309 9.17 -19.40 8.51
C THR A 309 9.83 -18.23 9.31
N GLY A 310 9.03 -17.24 9.69
CA GLY A 310 9.52 -16.09 10.44
C GLY A 310 9.45 -16.28 11.94
N PRO A 311 10.00 -15.37 12.76
CA PRO A 311 10.75 -14.13 12.42
C PRO A 311 12.06 -14.44 11.69
N THR A 312 12.32 -13.69 10.60
CA THR A 312 13.50 -13.90 9.78
C THR A 312 13.86 -12.68 8.94
N TRP A 313 15.15 -12.61 8.57
CA TRP A 313 15.64 -11.66 7.59
C TRP A 313 15.35 -12.30 6.23
N ALA A 314 15.29 -11.49 5.19
CA ALA A 314 15.12 -11.99 3.83
C ALA A 314 16.12 -11.28 2.98
N LEU A 315 16.91 -12.07 2.28
CA LEU A 315 17.93 -11.55 1.36
C LEU A 315 17.37 -11.59 -0.05
N GLY A 316 16.83 -10.45 -0.46
CA GLY A 316 16.21 -10.29 -1.76
C GLY A 316 17.14 -9.82 -2.84
N ALA A 317 16.60 -9.19 -3.88
CA ALA A 317 17.32 -8.71 -5.06
C ALA A 317 18.54 -7.84 -4.74
N THR A 318 18.45 -7.05 -3.63
CA THR A 318 19.52 -6.16 -3.14
C THR A 318 20.80 -6.97 -2.87
N PHE A 319 20.64 -8.13 -2.20
CA PHE A 319 21.71 -9.05 -1.88
C PHE A 319 22.15 -9.83 -3.16
N ILE A 320 21.17 -10.45 -3.87
CA ILE A 320 21.37 -11.25 -5.09
C ILE A 320 22.09 -10.54 -6.22
N ARG A 321 21.86 -9.21 -6.40
CA ARG A 321 22.62 -8.43 -7.39
C ARG A 321 24.12 -8.51 -7.12
N LYS A 322 24.53 -8.46 -5.82
CA LYS A 322 25.92 -8.56 -5.41
C LYS A 322 26.47 -10.00 -5.50
N PHE A 323 25.67 -10.98 -5.04
CA PHE A 323 26.06 -12.38 -4.99
C PHE A 323 25.16 -13.31 -5.81
N TYR A 324 25.71 -13.84 -6.92
CA TYR A 324 25.12 -14.83 -7.82
C TYR A 324 24.75 -16.01 -6.88
N THR A 325 23.51 -16.49 -6.94
CA THR A 325 23.03 -17.50 -5.99
C THR A 325 22.66 -18.83 -6.64
N GLU A 326 23.06 -19.95 -6.02
CA GLU A 326 22.78 -21.31 -6.47
C GLU A 326 21.98 -22.00 -5.39
N PHE A 327 20.85 -22.61 -5.80
CA PHE A 327 19.93 -23.32 -4.90
C PHE A 327 20.04 -24.80 -5.21
N ASP A 328 20.68 -25.53 -4.28
CA ASP A 328 20.97 -26.94 -4.47
C ASP A 328 19.96 -27.83 -3.79
N ARG A 329 19.09 -28.48 -4.57
CA ARG A 329 18.08 -29.39 -4.03
C ARG A 329 18.67 -30.71 -3.60
N ARG A 330 19.67 -31.22 -4.32
CA ARG A 330 20.29 -32.54 -3.97
C ARG A 330 20.96 -32.53 -2.60
N ASN A 331 21.75 -31.47 -2.34
CA ASN A 331 22.50 -31.31 -1.11
C ASN A 331 21.84 -30.49 -0.04
N ASN A 332 20.71 -29.82 -0.35
CA ASN A 332 19.95 -28.94 0.56
C ASN A 332 20.89 -27.86 1.09
N ARG A 333 21.37 -27.06 0.16
CA ARG A 333 22.31 -26.00 0.48
C ARG A 333 22.18 -24.85 -0.52
N ILE A 334 22.72 -23.69 -0.16
CA ILE A 334 22.73 -22.49 -1.02
C ILE A 334 24.20 -22.11 -1.19
N GLY A 335 24.56 -21.73 -2.40
CA GLY A 335 25.90 -21.26 -2.68
C GLY A 335 25.92 -19.83 -3.15
N PHE A 336 26.92 -19.06 -2.72
CA PHE A 336 27.08 -17.67 -3.15
C PHE A 336 28.40 -17.45 -3.80
N ALA A 337 28.43 -16.66 -4.87
CA ALA A 337 29.67 -16.30 -5.54
C ALA A 337 29.50 -14.84 -5.93
N LEU A 338 30.57 -14.06 -5.98
CA LEU A 338 30.47 -12.66 -6.38
C LEU A 338 29.96 -12.59 -7.82
N ALA A 339 28.82 -11.88 -8.05
CA ALA A 339 28.26 -11.69 -9.40
C ALA A 339 29.22 -10.81 -10.24
N ARG A 340 29.28 -11.11 -11.55
CA ARG A 340 30.13 -10.52 -12.58
C ARG A 340 29.19 -9.99 -13.71
N LEU B 1 -33.89 35.18 -0.18
CA LEU B 1 -34.35 35.55 1.16
C LEU B 1 -34.52 34.35 2.02
N THR B 2 -34.00 34.40 3.25
CA THR B 2 -34.16 33.33 4.25
C THR B 2 -34.84 33.85 5.52
N LEU B 3 -35.50 32.94 6.25
CA LEU B 3 -36.26 33.21 7.47
C LEU B 3 -35.64 32.55 8.70
N GLY B 4 -34.31 32.45 8.70
CA GLY B 4 -33.55 31.84 9.78
C GLY B 4 -33.61 30.32 9.91
N ASN B 5 -34.18 29.55 8.94
CA ASN B 5 -34.21 28.10 9.15
C ASN B 5 -33.57 27.30 8.02
N THR B 6 -32.85 27.97 7.12
CA THR B 6 -32.28 27.32 5.93
C THR B 6 -30.98 26.54 6.13
N THR B 7 -31.00 25.31 5.62
CA THR B 7 -29.83 24.42 5.54
C THR B 7 -29.73 23.86 4.10
N SER B 8 -28.55 23.29 3.77
CA SER B 8 -28.29 22.65 2.50
C SER B 8 -27.64 21.27 2.70
N SER B 9 -28.07 20.25 1.93
CA SER B 9 -27.46 18.92 2.01
C SER B 9 -26.95 18.34 0.72
N VAL B 10 -25.74 17.77 0.78
CA VAL B 10 -25.08 17.11 -0.36
C VAL B 10 -25.05 15.60 -0.11
N ILE B 11 -25.67 14.81 -0.98
CA ILE B 11 -25.65 13.34 -0.90
C ILE B 11 -24.25 12.83 -1.27
N LEU B 12 -23.72 11.91 -0.48
CA LEU B 12 -22.39 11.35 -0.73
C LEU B 12 -22.47 9.92 -1.25
N THR B 13 -21.43 9.54 -2.01
CA THR B 13 -21.29 8.19 -2.52
C THR B 13 -20.18 7.53 -1.71
N ASN B 14 -20.47 6.32 -1.21
CA ASN B 14 -19.54 5.53 -0.44
C ASN B 14 -18.84 4.54 -1.37
N TYR B 15 -17.56 4.75 -1.60
CA TYR B 15 -16.74 3.85 -2.37
C TYR B 15 -15.89 3.01 -1.41
N MET B 16 -16.28 1.76 -1.18
CA MET B 16 -15.56 0.77 -0.38
C MET B 16 -15.09 1.16 1.06
N ASP B 17 -15.87 2.04 1.74
CA ASP B 17 -15.62 2.57 3.10
C ASP B 17 -14.35 3.39 3.19
N THR B 18 -13.79 3.80 2.04
CA THR B 18 -12.53 4.56 2.03
C THR B 18 -12.63 5.91 1.34
N GLN B 19 -13.61 6.07 0.42
CA GLN B 19 -13.81 7.33 -0.30
C GLN B 19 -15.27 7.72 -0.30
N TYR B 20 -15.57 8.92 0.20
CA TYR B 20 -16.92 9.47 0.29
C TYR B 20 -16.95 10.74 -0.52
N TYR B 21 -17.71 10.73 -1.62
CA TYR B 21 -17.71 11.87 -2.51
C TYR B 21 -19.09 12.29 -2.96
N GLY B 22 -19.22 13.59 -3.13
CA GLY B 22 -20.45 14.20 -3.58
C GLY B 22 -20.24 15.02 -4.83
N GLU B 23 -21.34 15.61 -5.34
CA GLU B 23 -21.35 16.41 -6.55
C GLU B 23 -21.34 17.93 -6.29
N ILE B 24 -20.56 18.62 -7.11
CA ILE B 24 -20.50 20.07 -7.19
C ILE B 24 -20.56 20.46 -8.66
N GLY B 25 -21.21 21.58 -8.95
CA GLY B 25 -21.32 22.13 -10.30
C GLY B 25 -20.47 23.37 -10.41
N ILE B 26 -19.63 23.46 -11.43
CA ILE B 26 -18.81 24.64 -11.67
C ILE B 26 -19.16 25.25 -13.03
N GLY B 27 -19.36 26.58 -13.02
CA GLY B 27 -19.64 27.38 -14.19
C GLY B 27 -21.10 27.55 -14.57
N THR B 28 -21.30 28.21 -15.72
CA THR B 28 -22.58 28.49 -16.37
C THR B 28 -22.47 28.05 -17.84
N PRO B 29 -23.17 26.98 -18.29
CA PRO B 29 -24.03 26.07 -17.52
C PRO B 29 -23.16 25.21 -16.58
N PRO B 30 -23.70 24.57 -15.50
CA PRO B 30 -22.81 23.84 -14.59
C PRO B 30 -22.18 22.57 -15.13
N GLN B 31 -20.86 22.45 -14.89
CA GLN B 31 -20.04 21.28 -15.21
C GLN B 31 -19.91 20.53 -13.86
N THR B 32 -20.44 19.32 -13.79
CA THR B 32 -20.43 18.55 -12.55
C THR B 32 -19.14 17.78 -12.28
N PHE B 33 -18.73 17.77 -11.01
CA PHE B 33 -17.55 17.07 -10.56
C PHE B 33 -17.84 16.34 -9.28
N LYS B 34 -17.25 15.11 -9.14
CA LYS B 34 -17.30 14.29 -7.94
C LYS B 34 -16.16 14.78 -7.05
N VAL B 35 -16.48 15.23 -5.85
CA VAL B 35 -15.46 15.76 -4.95
C VAL B 35 -15.52 15.14 -3.53
N VAL B 36 -14.37 15.10 -2.87
CA VAL B 36 -14.23 14.71 -1.48
C VAL B 36 -14.30 16.03 -0.69
N PHE B 37 -15.12 16.08 0.39
CA PHE B 37 -15.24 17.27 1.25
C PHE B 37 -14.32 16.97 2.43
N ASP B 38 -13.17 17.66 2.45
CA ASP B 38 -12.07 17.39 3.36
C ASP B 38 -11.77 18.46 4.41
N THR B 39 -11.95 18.13 5.72
CA THR B 39 -11.69 19.06 6.82
C THR B 39 -10.21 19.26 7.09
N GLY B 40 -9.39 18.34 6.57
CA GLY B 40 -7.94 18.40 6.71
C GLY B 40 -7.27 19.38 5.75
N SER B 41 -8.02 19.98 4.81
CA SER B 41 -7.48 20.96 3.87
C SER B 41 -8.47 22.13 3.61
N SER B 42 -7.99 23.21 2.96
CA SER B 42 -8.81 24.40 2.74
C SER B 42 -9.01 24.88 1.30
N ASN B 43 -8.40 24.22 0.30
CA ASN B 43 -8.54 24.65 -1.10
C ASN B 43 -9.51 23.83 -1.87
N VAL B 44 -10.15 24.47 -2.88
CA VAL B 44 -11.03 23.79 -3.84
C VAL B 44 -10.21 23.60 -5.13
N TRP B 45 -10.23 22.39 -5.72
CA TRP B 45 -9.55 22.08 -6.96
C TRP B 45 -10.25 20.98 -7.72
N VAL B 46 -10.26 21.07 -9.06
CA VAL B 46 -10.79 20.07 -10.00
C VAL B 46 -9.77 19.92 -11.14
N PRO B 47 -9.73 18.79 -11.89
CA PRO B 47 -8.81 18.72 -13.04
C PRO B 47 -9.22 19.71 -14.15
N SER B 48 -8.21 20.34 -14.78
CA SER B 48 -8.41 21.32 -15.86
C SER B 48 -8.46 20.66 -17.23
N SER B 49 -9.13 21.32 -18.21
CA SER B 49 -9.18 20.85 -19.60
C SER B 49 -7.78 21.02 -20.23
N LYS B 50 -6.97 21.94 -19.64
CA LYS B 50 -5.59 22.26 -19.98
C LYS B 50 -4.62 21.22 -19.44
N CYS B 51 -5.13 20.13 -18.83
CA CYS B 51 -4.28 19.05 -18.32
C CYS B 51 -3.79 18.18 -19.49
N SER B 52 -2.46 18.03 -19.61
CA SER B 52 -1.78 17.28 -20.68
C SER B 52 -2.16 15.79 -20.76
N THR B 56 -1.73 12.63 -16.76
CA THR B 56 -1.98 11.21 -16.98
C THR B 56 -3.21 10.66 -16.23
N ALA B 57 -3.52 11.23 -15.03
CA ALA B 57 -4.71 10.81 -14.27
C ALA B 57 -5.95 11.50 -14.89
N CYS B 58 -5.71 12.68 -15.51
CA CYS B 58 -6.66 13.54 -16.21
C CYS B 58 -7.48 12.84 -17.28
N VAL B 59 -6.99 11.68 -17.71
CA VAL B 59 -7.58 10.80 -18.71
C VAL B 59 -8.78 10.06 -18.08
N TYR B 60 -8.71 9.81 -16.76
CA TYR B 60 -9.67 9.03 -15.97
C TYR B 60 -10.76 9.85 -15.26
N HIS B 61 -10.68 11.20 -15.37
CA HIS B 61 -11.57 12.10 -14.66
C HIS B 61 -12.17 13.21 -15.52
N LYS B 62 -13.25 13.85 -15.00
CA LYS B 62 -13.90 14.99 -15.64
C LYS B 62 -13.01 16.20 -15.55
N LEU B 63 -12.91 16.95 -16.68
CA LEU B 63 -12.07 18.14 -16.82
C LEU B 63 -12.89 19.40 -16.96
N PHE B 64 -12.53 20.44 -16.21
CA PHE B 64 -13.19 21.73 -16.28
C PHE B 64 -12.69 22.49 -17.49
N ASP B 65 -13.62 22.88 -18.37
CA ASP B 65 -13.29 23.70 -19.54
C ASP B 65 -13.85 25.11 -19.33
N ALA B 66 -12.95 26.05 -19.03
CA ALA B 66 -13.26 27.46 -18.82
C ALA B 66 -13.96 28.08 -20.06
N SER B 67 -13.55 27.64 -21.26
CA SER B 67 -14.11 28.13 -22.52
C SER B 67 -15.59 27.76 -22.73
N ASP B 68 -16.16 26.92 -21.83
CA ASP B 68 -17.58 26.53 -21.91
C ASP B 68 -18.39 27.21 -20.81
N SER B 69 -17.76 28.12 -20.03
CA SER B 69 -18.43 28.83 -18.95
C SER B 69 -18.47 30.34 -19.19
N SER B 70 -19.69 30.90 -19.13
CA SER B 70 -19.93 32.33 -19.31
C SER B 70 -19.59 33.13 -18.05
N SER B 71 -19.68 32.47 -16.87
CA SER B 71 -19.40 33.07 -15.55
C SER B 71 -17.92 33.03 -15.09
N TYR B 72 -17.04 32.44 -15.91
CA TYR B 72 -15.62 32.30 -15.61
C TYR B 72 -14.87 33.62 -15.67
N LYS B 73 -13.96 33.83 -14.71
CA LYS B 73 -13.07 34.99 -14.65
C LYS B 73 -11.66 34.45 -14.49
N HIS B 74 -10.78 34.80 -15.42
CA HIS B 74 -9.37 34.41 -15.43
C HIS B 74 -8.62 35.01 -14.22
N ASN B 75 -7.55 34.33 -13.78
CA ASN B 75 -6.62 34.79 -12.73
C ASN B 75 -5.23 34.23 -13.03
N GLY B 76 -5.16 32.90 -13.15
CA GLY B 76 -3.95 32.18 -13.53
C GLY B 76 -2.77 32.16 -12.60
N THR B 77 -2.94 32.56 -11.32
CA THR B 77 -1.86 32.53 -10.34
C THR B 77 -1.51 31.07 -10.09
N GLU B 78 -0.22 30.69 -10.24
CA GLU B 78 0.24 29.30 -10.07
C GLU B 78 0.01 28.79 -8.67
N LEU B 79 -0.45 27.54 -8.56
CA LEU B 79 -0.78 26.91 -7.29
C LEU B 79 -0.37 25.44 -7.23
N THR B 80 0.21 25.04 -6.09
CA THR B 80 0.65 23.66 -5.81
C THR B 80 0.06 23.19 -4.49
N LEU B 81 -0.62 22.02 -4.51
CA LEU B 81 -1.26 21.45 -3.32
C LEU B 81 -0.59 20.12 -2.96
N ARG B 82 0.32 20.16 -1.97
CA ARG B 82 1.08 18.98 -1.53
C ARG B 82 0.33 18.15 -0.49
N TYR B 83 -0.41 17.10 -0.93
CA TYR B 83 -1.11 16.18 -0.04
C TYR B 83 -0.12 15.15 0.53
N SER B 84 -0.57 14.36 1.53
CA SER B 84 0.24 13.32 2.18
C SER B 84 0.72 12.31 1.13
N THR B 85 -0.23 11.91 0.28
CA THR B 85 -0.06 10.95 -0.77
C THR B 85 0.58 11.60 -2.00
N GLY B 86 -0.22 12.31 -2.79
CA GLY B 86 0.27 12.97 -3.99
C GLY B 86 0.50 14.45 -3.87
N THR B 87 0.70 15.09 -5.02
CA THR B 87 0.89 16.53 -5.16
C THR B 87 0.24 16.92 -6.48
N VAL B 88 -0.73 17.83 -6.42
CA VAL B 88 -1.38 18.36 -7.61
C VAL B 88 -0.86 19.78 -7.85
N SER B 89 -0.88 20.21 -9.12
CA SER B 89 -0.44 21.54 -9.50
C SER B 89 -1.32 22.10 -10.60
N GLY B 90 -1.45 23.41 -10.61
CA GLY B 90 -2.24 24.11 -11.60
C GLY B 90 -2.20 25.60 -11.38
N PHE B 91 -3.32 26.24 -11.66
CA PHE B 91 -3.46 27.69 -11.57
C PHE B 91 -4.84 28.08 -11.01
N LEU B 92 -4.98 29.34 -10.54
CA LEU B 92 -6.25 29.85 -10.00
C LEU B 92 -7.24 30.33 -11.04
N SER B 93 -8.50 29.99 -10.85
CA SER B 93 -9.60 30.40 -11.69
C SER B 93 -10.74 30.75 -10.75
N GLN B 94 -11.65 31.61 -11.20
CA GLN B 94 -12.82 31.99 -10.43
C GLN B 94 -14.03 31.65 -11.25
N ASP B 95 -15.04 31.09 -10.61
CA ASP B 95 -16.30 30.77 -11.25
C ASP B 95 -17.35 30.56 -10.18
N ILE B 96 -18.61 30.34 -10.61
CA ILE B 96 -19.75 30.11 -9.74
C ILE B 96 -19.88 28.61 -9.41
N ILE B 97 -19.63 28.29 -8.13
CA ILE B 97 -19.72 26.91 -7.68
C ILE B 97 -21.05 26.66 -7.01
N THR B 98 -21.79 25.68 -7.51
CA THR B 98 -23.04 25.25 -6.93
C THR B 98 -22.82 23.97 -6.07
N VAL B 99 -23.08 24.10 -4.76
CA VAL B 99 -22.96 23.02 -3.77
C VAL B 99 -24.27 22.85 -3.00
N GLY B 100 -25.01 21.82 -3.38
CA GLY B 100 -26.30 21.48 -2.80
C GLY B 100 -27.34 22.58 -2.87
N GLY B 101 -27.38 23.32 -3.98
CA GLY B 101 -28.32 24.41 -4.16
C GLY B 101 -27.74 25.79 -3.88
N ILE B 102 -26.80 25.90 -2.94
CA ILE B 102 -26.11 27.15 -2.63
C ILE B 102 -25.13 27.45 -3.78
N THR B 103 -25.13 28.69 -4.30
CA THR B 103 -24.30 29.16 -5.40
C THR B 103 -23.34 30.17 -4.80
N VAL B 104 -22.04 29.98 -5.03
CA VAL B 104 -20.97 30.81 -4.44
C VAL B 104 -19.96 31.18 -5.53
N THR B 105 -19.49 32.44 -5.51
CA THR B 105 -18.44 32.88 -6.40
C THR B 105 -17.13 32.47 -5.72
N GLN B 106 -16.44 31.49 -6.31
CA GLN B 106 -15.29 30.88 -5.70
C GLN B 106 -14.03 30.85 -6.54
N MET B 107 -12.90 31.17 -5.90
CA MET B 107 -11.58 31.04 -6.49
C MET B 107 -11.19 29.58 -6.21
N PHE B 108 -10.82 28.85 -7.24
CA PHE B 108 -10.46 27.44 -7.12
C PHE B 108 -9.29 27.10 -8.03
N GLY B 109 -8.72 25.93 -7.83
CA GLY B 109 -7.60 25.44 -8.61
C GLY B 109 -8.01 24.60 -9.79
N GLU B 110 -7.45 24.94 -10.97
CA GLU B 110 -7.61 24.21 -12.23
C GLU B 110 -6.32 23.40 -12.32
N VAL B 111 -6.42 22.09 -12.01
CA VAL B 111 -5.26 21.21 -11.93
C VAL B 111 -4.82 20.71 -13.29
N THR B 112 -3.55 20.99 -13.62
CA THR B 112 -2.92 20.63 -14.89
C THR B 112 -1.83 19.59 -14.72
N GLU B 113 -1.37 19.39 -13.46
CA GLU B 113 -0.34 18.40 -13.09
C GLU B 113 -0.94 17.41 -12.10
N MET B 114 -1.56 16.33 -12.60
CA MET B 114 -2.19 15.32 -11.76
C MET B 114 -1.56 13.88 -11.94
N PRO B 115 -0.64 13.46 -11.03
CA PRO B 115 0.02 12.15 -11.16
C PRO B 115 -0.89 10.92 -11.09
N ALA B 116 -0.61 9.91 -11.93
CA ALA B 116 -1.36 8.67 -11.97
C ALA B 116 -1.35 8.00 -10.56
N LEU B 117 -0.25 8.15 -9.83
CA LEU B 117 -0.24 7.67 -8.47
C LEU B 117 -0.24 8.86 -7.51
N PRO B 118 -1.29 9.01 -6.64
CA PRO B 118 -2.39 8.05 -6.37
C PRO B 118 -3.70 8.26 -7.11
N PHE B 119 -3.76 9.29 -7.98
CA PHE B 119 -4.99 9.69 -8.68
C PHE B 119 -5.67 8.71 -9.64
N MET B 120 -5.01 7.57 -9.95
CA MET B 120 -5.55 6.48 -10.75
C MET B 120 -6.70 5.88 -9.91
N LEU B 121 -6.40 5.79 -8.60
CA LEU B 121 -7.18 5.17 -7.53
C LEU B 121 -8.32 6.01 -6.99
N ALA B 122 -8.32 7.33 -7.26
CA ALA B 122 -9.38 8.24 -6.83
C ALA B 122 -10.61 8.01 -7.71
N GLU B 123 -11.80 7.87 -7.07
CA GLU B 123 -13.09 7.72 -7.77
C GLU B 123 -13.76 9.11 -7.90
N PHE B 124 -13.20 10.09 -7.18
CA PHE B 124 -13.60 11.48 -7.21
C PHE B 124 -12.69 12.24 -8.21
N ASP B 125 -13.15 13.40 -8.70
CA ASP B 125 -12.42 14.28 -9.62
C ASP B 125 -11.54 15.28 -8.90
N GLY B 126 -12.06 15.93 -7.88
CA GLY B 126 -11.29 16.91 -7.12
C GLY B 126 -11.58 16.95 -5.64
N VAL B 127 -11.11 18.01 -4.95
CA VAL B 127 -11.28 18.18 -3.50
C VAL B 127 -11.88 19.55 -3.14
N VAL B 128 -12.80 19.55 -2.16
CA VAL B 128 -13.42 20.74 -1.57
C VAL B 128 -12.90 20.75 -0.15
N GLY B 129 -11.90 21.57 0.10
CA GLY B 129 -11.30 21.74 1.41
C GLY B 129 -12.23 22.48 2.35
N MET B 130 -12.60 21.81 3.46
CA MET B 130 -13.55 22.31 4.47
C MET B 130 -12.85 22.87 5.70
N GLY B 131 -11.54 23.08 5.60
CA GLY B 131 -10.71 23.65 6.66
C GLY B 131 -10.74 25.17 6.66
N PHE B 132 -9.90 25.79 7.51
CA PHE B 132 -9.81 27.25 7.70
C PHE B 132 -8.81 27.95 6.75
N ILE B 133 -9.01 29.27 6.54
CA ILE B 133 -8.12 30.12 5.72
C ILE B 133 -6.62 30.04 6.11
N GLU B 134 -6.34 29.86 7.42
CA GLU B 134 -5.00 29.71 8.00
C GLU B 134 -4.19 28.61 7.29
N GLN B 135 -4.89 27.63 6.71
CA GLN B 135 -4.31 26.47 6.05
C GLN B 135 -4.50 26.48 4.53
N ALA B 136 -5.17 27.52 4.00
CA ALA B 136 -5.41 27.69 2.56
C ALA B 136 -4.13 28.16 1.86
N ILE B 137 -3.80 27.50 0.73
CA ILE B 137 -2.62 27.82 -0.08
C ILE B 137 -2.96 28.97 -1.02
N GLY B 138 -2.09 29.97 -1.02
CA GLY B 138 -2.28 31.20 -1.78
C GLY B 138 -3.24 32.12 -1.07
N ARG B 139 -3.48 31.84 0.23
CA ARG B 139 -4.38 32.55 1.14
C ARG B 139 -5.80 32.75 0.57
N VAL B 140 -6.21 31.84 -0.37
CA VAL B 140 -7.51 31.83 -1.08
C VAL B 140 -8.65 31.51 -0.09
N THR B 141 -9.70 32.35 -0.09
CA THR B 141 -10.87 32.22 0.75
C THR B 141 -11.58 30.86 0.55
N PRO B 142 -11.61 30.01 1.63
CA PRO B 142 -12.27 28.69 1.52
C PRO B 142 -13.75 28.79 1.20
N ILE B 143 -14.31 27.76 0.57
CA ILE B 143 -15.73 27.76 0.16
C ILE B 143 -16.73 28.03 1.31
N PHE B 144 -16.52 27.40 2.49
CA PHE B 144 -17.40 27.59 3.64
C PHE B 144 -17.37 29.03 4.17
N ASP B 145 -16.18 29.67 4.20
CA ASP B 145 -16.03 31.09 4.55
C ASP B 145 -16.89 31.96 3.62
N ASN B 146 -16.92 31.64 2.31
CA ASN B 146 -17.74 32.32 1.31
C ASN B 146 -19.22 32.10 1.48
N ILE B 147 -19.64 30.88 1.89
CA ILE B 147 -21.04 30.54 2.17
C ILE B 147 -21.49 31.31 3.43
N ILE B 148 -20.61 31.42 4.46
CA ILE B 148 -20.88 32.17 5.70
C ILE B 148 -21.17 33.65 5.38
N SER B 149 -20.34 34.28 4.52
CA SER B 149 -20.46 35.65 4.03
C SER B 149 -21.79 35.96 3.34
N GLN B 150 -22.42 34.95 2.72
CA GLN B 150 -23.71 35.10 2.06
C GLN B 150 -24.87 35.28 3.05
N GLY B 151 -24.68 34.81 4.28
CA GLY B 151 -25.68 34.88 5.34
C GLY B 151 -26.98 34.17 5.04
N VAL B 152 -26.90 32.94 4.49
CA VAL B 152 -28.06 32.11 4.13
C VAL B 152 -28.30 30.94 5.11
N LEU B 153 -27.22 30.48 5.78
CA LEU B 153 -27.23 29.34 6.69
C LEU B 153 -27.86 29.62 8.05
N LYS B 154 -28.63 28.65 8.56
CA LYS B 154 -29.27 28.69 9.87
C LYS B 154 -28.19 28.96 10.94
N GLU B 155 -27.09 28.20 10.89
CA GLU B 155 -25.93 28.37 11.75
C GLU B 155 -24.61 28.12 10.97
N ASP B 156 -23.50 28.69 11.46
CA ASP B 156 -22.18 28.58 10.84
C ASP B 156 -21.55 27.24 11.25
N VAL B 157 -22.21 26.19 10.80
CA VAL B 157 -21.93 24.83 11.15
C VAL B 157 -22.09 23.96 9.91
N PHE B 158 -21.31 22.90 9.82
CA PHE B 158 -21.50 21.90 8.78
C PHE B 158 -21.29 20.55 9.44
N SER B 159 -22.06 19.55 9.01
CA SER B 159 -21.98 18.24 9.61
C SER B 159 -21.85 17.07 8.59
N PHE B 160 -21.22 15.97 9.04
CA PHE B 160 -20.96 14.79 8.21
C PHE B 160 -21.61 13.53 8.72
N TYR B 161 -22.18 12.77 7.81
CA TYR B 161 -22.70 11.44 7.99
C TYR B 161 -22.01 10.52 6.95
N TYR B 162 -21.29 9.50 7.43
CA TYR B 162 -20.63 8.49 6.59
C TYR B 162 -21.29 7.16 6.90
N ASN B 163 -21.93 6.58 5.92
CA ASN B 163 -22.55 5.29 6.12
C ASN B 163 -21.54 4.12 5.88
N ARG B 164 -21.95 2.89 6.28
CA ARG B 164 -21.24 1.61 6.10
C ARG B 164 -21.70 1.02 4.75
N ASP B 165 -20.76 0.60 3.88
CA ASP B 165 -21.07 0.07 2.53
C ASP B 165 -21.93 -1.20 2.50
N SER B 166 -22.87 -1.24 1.53
CA SER B 166 -23.79 -2.37 1.30
C SER B 166 -23.79 -2.81 -0.17
N SER B 169 -26.84 -2.52 -1.47
CA SER B 169 -28.12 -2.18 -2.06
C SER B 169 -28.24 -0.67 -2.43
N GLN B 170 -29.49 -0.16 -2.58
CA GLN B 170 -29.77 1.24 -2.92
C GLN B 170 -29.86 2.16 -1.66
N SER B 171 -28.81 2.12 -0.81
CA SER B 171 -28.72 2.93 0.40
C SER B 171 -27.85 4.15 0.17
N LEU B 172 -28.07 5.19 1.00
CA LEU B 172 -27.34 6.46 1.01
C LEU B 172 -25.93 6.23 1.56
N GLY B 173 -24.91 6.58 0.77
CA GLY B 173 -23.50 6.43 1.14
C GLY B 173 -23.03 7.39 2.23
N GLY B 174 -23.66 8.53 2.30
CA GLY B 174 -23.36 9.57 3.26
C GLY B 174 -24.07 10.87 2.91
N GLN B 175 -23.84 11.90 3.73
CA GLN B 175 -24.49 13.19 3.56
C GLN B 175 -23.78 14.25 4.31
N ILE B 176 -23.73 15.45 3.72
CA ILE B 176 -23.14 16.61 4.35
C ILE B 176 -24.20 17.65 4.51
N VAL B 177 -24.42 18.10 5.73
CA VAL B 177 -25.37 19.17 6.01
C VAL B 177 -24.58 20.48 6.24
N LEU B 178 -24.90 21.47 5.44
CA LEU B 178 -24.36 22.81 5.57
C LEU B 178 -25.46 23.61 6.30
N GLY B 179 -25.12 24.16 7.45
CA GLY B 179 -26.03 24.98 8.23
C GLY B 179 -26.65 24.30 9.44
N GLY B 180 -26.41 23.00 9.61
CA GLY B 180 -26.94 22.25 10.74
C GLY B 180 -26.46 20.82 10.80
N SER B 181 -27.36 19.93 11.29
CA SER B 181 -27.18 18.50 11.41
C SER B 181 -28.49 17.81 11.05
N ASP B 182 -28.46 16.58 10.53
CA ASP B 182 -29.65 15.83 10.17
C ASP B 182 -29.98 14.86 11.28
N PRO B 183 -31.04 15.14 12.09
CA PRO B 183 -31.39 14.23 13.21
C PRO B 183 -31.78 12.82 12.83
N GLN B 184 -32.02 12.58 11.54
CA GLN B 184 -32.32 11.24 11.05
C GLN B 184 -31.05 10.39 11.04
N HIS B 185 -29.86 11.03 11.09
CA HIS B 185 -28.61 10.29 11.05
C HIS B 185 -27.83 10.17 12.32
N TYR B 186 -28.43 10.62 13.43
CA TYR B 186 -27.79 10.45 14.71
C TYR B 186 -28.82 10.16 15.80
N GLU B 187 -28.36 9.51 16.88
CA GLU B 187 -29.12 9.12 18.07
C GLU B 187 -28.60 9.94 19.23
N GLY B 188 -29.47 10.24 20.18
CA GLY B 188 -29.07 10.94 21.38
C GLY B 188 -28.71 12.37 21.11
N ASN B 189 -27.74 12.88 21.89
CA ASN B 189 -27.29 14.27 21.85
C ASN B 189 -25.84 14.42 21.51
N PHE B 190 -25.46 15.60 21.03
CA PHE B 190 -24.08 15.94 20.68
C PHE B 190 -23.33 16.28 21.92
N HIS B 191 -22.05 15.94 21.94
CA HIS B 191 -21.13 16.28 22.99
C HIS B 191 -20.02 16.98 22.26
N TYR B 192 -19.65 18.15 22.75
CA TYR B 192 -18.70 19.02 22.09
C TYR B 192 -17.38 19.11 22.76
N ILE B 193 -16.35 19.33 21.93
CA ILE B 193 -14.94 19.47 22.35
C ILE B 193 -14.41 20.74 21.70
N ASN B 194 -13.83 21.63 22.48
CA ASN B 194 -13.29 22.86 21.89
C ASN B 194 -11.99 22.58 21.12
N LEU B 195 -11.76 23.32 20.05
CA LEU B 195 -10.53 23.22 19.29
C LEU B 195 -9.39 23.78 20.17
N ILE B 196 -8.16 23.22 20.07
CA ILE B 196 -6.98 23.72 20.81
C ILE B 196 -6.77 25.16 20.37
N LYS B 197 -6.79 25.39 19.05
CA LYS B 197 -6.70 26.72 18.43
C LYS B 197 -7.53 26.74 17.16
N THR B 198 -7.97 27.94 16.77
CA THR B 198 -8.67 28.11 15.49
C THR B 198 -7.63 27.92 14.33
N GLY B 199 -8.11 27.61 13.14
CA GLY B 199 -7.23 27.39 12.00
C GLY B 199 -7.09 25.93 11.61
N VAL B 200 -7.29 25.03 12.58
CA VAL B 200 -7.16 23.57 12.37
C VAL B 200 -8.24 22.81 13.17
N TRP B 201 -8.93 21.86 12.51
CA TRP B 201 -9.97 21.02 13.11
C TRP B 201 -9.29 19.92 13.98
N GLN B 202 -8.56 20.37 15.03
CA GLN B 202 -7.78 19.54 15.94
C GLN B 202 -8.17 19.79 17.41
N ILE B 203 -8.38 18.70 18.17
CA ILE B 203 -8.80 18.69 19.58
C ILE B 203 -7.82 17.91 20.43
N GLN B 204 -7.90 18.11 21.75
CA GLN B 204 -7.10 17.40 22.73
C GLN B 204 -7.77 16.03 22.97
N MET B 205 -6.95 14.98 23.06
CA MET B 205 -7.41 13.64 23.37
C MET B 205 -6.76 13.27 24.72
N LYS B 206 -7.57 12.77 25.68
CA LYS B 206 -7.12 12.45 27.05
C LYS B 206 -6.79 10.99 27.27
N GLY B 207 -6.87 10.16 26.25
CA GLY B 207 -6.53 8.77 26.41
C GLY B 207 -7.12 7.86 25.36
N VAL B 208 -6.41 6.76 25.09
CA VAL B 208 -6.82 5.69 24.17
C VAL B 208 -6.76 4.40 24.98
N SER B 209 -7.90 3.72 25.07
CA SER B 209 -8.08 2.49 25.84
C SER B 209 -8.40 1.28 24.99
N VAL B 210 -7.89 0.10 25.42
CA VAL B 210 -8.18 -1.20 24.81
C VAL B 210 -8.96 -1.98 25.85
N GLY B 211 -10.25 -2.09 25.62
CA GLY B 211 -11.14 -2.74 26.57
C GLY B 211 -11.38 -1.87 27.79
N SER B 212 -11.15 -2.43 29.00
CA SER B 212 -11.43 -1.66 30.23
C SER B 212 -10.23 -0.96 30.83
N SER B 213 -9.14 -0.81 30.05
CA SER B 213 -7.94 -0.14 30.52
C SER B 213 -7.24 0.74 29.50
N THR B 214 -6.70 1.88 29.99
CA THR B 214 -5.97 2.86 29.21
C THR B 214 -4.66 2.24 28.81
N LEU B 215 -4.19 2.54 27.62
CA LEU B 215 -2.98 1.94 27.10
C LEU B 215 -2.05 3.04 26.57
N LEU B 216 -2.62 3.94 25.76
CA LEU B 216 -1.90 5.01 25.08
C LEU B 216 -2.44 6.36 25.51
N CYS B 217 -1.80 7.43 25.00
CA CYS B 217 -2.18 8.83 25.15
C CYS B 217 -2.52 9.23 26.62
N GLU B 218 -1.84 8.55 27.61
CA GLU B 218 -2.08 8.71 29.05
C GLU B 218 -1.89 10.11 29.59
N ASP B 219 -0.90 10.83 29.05
CA ASP B 219 -0.64 12.22 29.43
C ASP B 219 -1.14 13.19 28.37
N GLY B 220 -2.11 12.72 27.59
CA GLY B 220 -2.77 13.50 26.56
C GLY B 220 -2.02 13.61 25.26
N CYS B 221 -2.80 13.81 24.18
CA CYS B 221 -2.31 13.99 22.82
C CYS B 221 -3.30 14.79 21.95
N LEU B 222 -3.07 14.83 20.66
CA LEU B 222 -3.90 15.59 19.76
C LEU B 222 -4.70 14.67 18.86
N ALA B 223 -5.84 15.16 18.38
CA ALA B 223 -6.67 14.41 17.45
C ALA B 223 -7.18 15.36 16.35
N LEU B 224 -6.82 15.10 15.13
CA LEU B 224 -7.24 15.87 13.97
C LEU B 224 -8.53 15.19 13.47
N VAL B 225 -9.64 15.93 13.29
CA VAL B 225 -10.90 15.31 12.84
C VAL B 225 -10.98 15.54 11.34
N ASP B 226 -10.51 14.52 10.59
CA ASP B 226 -10.27 14.58 9.15
C ASP B 226 -11.22 13.78 8.27
N THR B 227 -12.18 14.46 7.66
CA THR B 227 -13.18 13.86 6.77
C THR B 227 -12.54 13.27 5.48
N GLY B 228 -11.35 13.74 5.11
CA GLY B 228 -10.63 13.27 3.93
C GLY B 228 -9.80 12.02 4.17
N ALA B 229 -9.55 11.66 5.47
CA ALA B 229 -8.79 10.50 5.88
C ALA B 229 -9.70 9.26 5.87
N SER B 230 -9.22 8.12 5.34
CA SER B 230 -10.03 6.90 5.27
C SER B 230 -10.07 6.18 6.61
N TYR B 231 -9.00 6.31 7.38
CA TYR B 231 -8.86 5.56 8.61
C TYR B 231 -8.64 6.37 9.86
N ILE B 232 -8.41 5.65 10.95
CA ILE B 232 -7.97 6.22 12.21
C ILE B 232 -6.47 5.99 12.13
N SER B 233 -5.68 7.04 12.30
CA SER B 233 -4.24 6.89 12.31
C SER B 233 -3.64 7.48 13.54
N GLY B 234 -2.54 6.88 13.99
CA GLY B 234 -1.75 7.32 15.11
C GLY B 234 -0.29 7.27 14.70
N SER B 235 0.61 7.71 15.59
CA SER B 235 2.03 7.65 15.34
C SER B 235 2.43 6.18 15.29
N THR B 236 3.52 5.87 14.53
CA THR B 236 4.08 4.53 14.37
C THR B 236 4.24 3.85 15.73
N SER B 237 4.78 4.59 16.69
CA SER B 237 4.99 4.21 18.08
C SER B 237 3.68 3.82 18.76
N SER B 238 2.62 4.67 18.62
CA SER B 238 1.31 4.41 19.25
C SER B 238 0.60 3.20 18.65
N ILE B 239 0.61 3.11 17.31
CA ILE B 239 -0.01 2.01 16.56
C ILE B 239 0.71 0.66 16.82
N GLU B 240 2.04 0.68 17.05
CA GLU B 240 2.75 -0.57 17.33
C GLU B 240 2.23 -1.16 18.63
N LYS B 241 2.13 -0.31 19.70
CA LYS B 241 1.65 -0.71 21.03
C LYS B 241 0.20 -1.20 20.98
N LEU B 242 -0.67 -0.49 20.25
CA LEU B 242 -2.08 -0.77 20.07
C LEU B 242 -2.29 -2.10 19.38
N MET B 243 -1.58 -2.32 18.28
CA MET B 243 -1.68 -3.54 17.46
C MET B 243 -1.21 -4.78 18.20
N GLU B 244 -0.20 -4.62 19.12
CA GLU B 244 0.33 -5.65 20.00
C GLU B 244 -0.79 -6.03 21.00
N ALA B 245 -1.52 -5.03 21.55
CA ALA B 245 -2.65 -5.25 22.48
C ALA B 245 -3.83 -5.92 21.78
N LEU B 246 -3.93 -5.77 20.47
CA LEU B 246 -5.02 -6.34 19.70
C LEU B 246 -4.68 -7.73 19.16
N GLY B 247 -3.39 -8.03 19.05
CA GLY B 247 -2.92 -9.30 18.52
C GLY B 247 -2.82 -9.27 17.01
N ALA B 248 -2.92 -8.05 16.42
CA ALA B 248 -2.84 -7.80 14.98
C ALA B 248 -1.39 -7.92 14.54
N LYS B 249 -1.20 -8.26 13.27
CA LYS B 249 0.13 -8.43 12.69
C LYS B 249 0.32 -7.52 11.48
N LYS B 250 1.51 -6.93 11.39
CA LYS B 250 1.91 -6.02 10.33
C LYS B 250 2.15 -6.71 8.99
N ARG B 251 1.50 -6.23 7.96
CA ARG B 251 1.67 -6.67 6.59
C ARG B 251 2.38 -5.51 5.86
N LEU B 252 2.32 -5.41 4.53
CA LEU B 252 3.00 -4.29 3.89
C LEU B 252 2.30 -2.96 4.21
N PHE B 253 1.14 -2.76 3.58
CA PHE B 253 0.29 -1.59 3.68
C PHE B 253 -0.39 -1.49 5.09
N ASP B 254 -1.00 -2.61 5.53
CA ASP B 254 -1.92 -2.73 6.63
C ASP B 254 -1.58 -3.66 7.78
N TYR B 255 -2.47 -3.72 8.78
CA TYR B 255 -2.44 -4.64 9.91
C TYR B 255 -3.60 -5.61 9.70
N VAL B 256 -3.39 -6.88 10.03
CA VAL B 256 -4.39 -7.93 9.82
C VAL B 256 -4.58 -8.78 11.08
N VAL B 257 -5.73 -9.46 11.16
CA VAL B 257 -6.08 -10.43 12.21
C VAL B 257 -6.75 -11.59 11.45
N LYS B 258 -6.81 -12.78 12.06
CA LYS B 258 -7.49 -13.92 11.43
C LYS B 258 -8.98 -13.60 11.43
N CYS B 259 -9.64 -13.70 10.28
CA CYS B 259 -11.05 -13.34 10.13
C CYS B 259 -12.00 -13.90 11.21
N ASN B 260 -11.70 -15.11 11.73
CA ASN B 260 -12.51 -15.76 12.75
C ASN B 260 -12.34 -15.05 14.12
N GLU B 261 -11.16 -14.43 14.34
CA GLU B 261 -10.84 -13.73 15.58
C GLU B 261 -11.43 -12.33 15.61
N GLY B 262 -11.70 -11.78 14.44
CA GLY B 262 -12.28 -10.45 14.21
C GLY B 262 -13.33 -10.02 15.21
N PRO B 263 -14.50 -10.70 15.30
CA PRO B 263 -15.52 -10.26 16.28
C PRO B 263 -15.16 -10.41 17.76
N THR B 264 -14.10 -11.17 18.09
CA THR B 264 -13.67 -11.39 19.48
C THR B 264 -12.75 -10.25 19.98
N LEU B 265 -12.34 -9.36 19.06
CA LEU B 265 -11.42 -8.26 19.38
C LEU B 265 -12.02 -7.26 20.33
N PRO B 266 -11.20 -6.69 21.23
CA PRO B 266 -11.76 -5.76 22.23
C PRO B 266 -12.15 -4.39 21.67
N ASP B 267 -12.99 -3.67 22.45
CA ASP B 267 -13.43 -2.31 22.17
C ASP B 267 -12.24 -1.41 22.34
N ILE B 268 -12.12 -0.40 21.47
CA ILE B 268 -11.11 0.66 21.52
C ILE B 268 -11.86 1.97 21.88
N SER B 269 -11.34 2.70 22.84
CA SER B 269 -11.95 3.93 23.31
C SER B 269 -11.08 5.14 23.16
N PHE B 270 -11.68 6.25 22.72
CA PHE B 270 -10.97 7.51 22.59
C PHE B 270 -11.60 8.47 23.58
N HIS B 271 -10.82 8.98 24.56
CA HIS B 271 -11.30 9.93 25.57
C HIS B 271 -11.19 11.36 25.04
N LEU B 272 -12.35 11.94 24.64
CA LEU B 272 -12.39 13.27 24.05
C LEU B 272 -13.41 14.10 24.81
N GLY B 273 -12.95 15.21 25.39
CA GLY B 273 -13.77 16.09 26.21
C GLY B 273 -14.32 15.34 27.41
N GLY B 274 -15.61 15.47 27.64
CA GLY B 274 -16.20 14.73 28.74
C GLY B 274 -16.77 13.38 28.32
N LYS B 275 -16.05 12.56 27.53
CA LYS B 275 -16.66 11.32 27.06
C LYS B 275 -15.66 10.35 26.42
N GLU B 276 -15.99 9.06 26.49
CA GLU B 276 -15.30 7.94 25.85
C GLU B 276 -16.08 7.57 24.61
N TYR B 277 -15.38 7.55 23.47
CA TYR B 277 -15.95 7.18 22.16
C TYR B 277 -15.40 5.83 21.86
N THR B 278 -16.31 4.85 21.87
CA THR B 278 -16.02 3.44 21.69
C THR B 278 -16.27 2.98 20.28
N LEU B 279 -15.32 2.22 19.76
CA LEU B 279 -15.43 1.54 18.48
C LEU B 279 -15.32 0.05 18.80
N THR B 280 -16.37 -0.71 18.46
CA THR B 280 -16.33 -2.17 18.67
C THR B 280 -15.55 -2.77 17.50
N SER B 281 -15.14 -4.03 17.60
CA SER B 281 -14.42 -4.70 16.50
C SER B 281 -15.14 -4.57 15.15
N ALA B 282 -16.50 -4.64 15.16
CA ALA B 282 -17.32 -4.46 13.95
C ALA B 282 -17.12 -3.08 13.24
N ASP B 283 -16.62 -2.06 13.98
CA ASP B 283 -16.35 -0.70 13.49
C ASP B 283 -14.94 -0.50 12.91
N TYR B 284 -14.02 -1.38 13.29
CA TYR B 284 -12.64 -1.23 12.82
C TYR B 284 -12.04 -2.41 12.07
N VAL B 285 -12.79 -3.48 11.88
CA VAL B 285 -12.31 -4.65 11.14
C VAL B 285 -13.09 -4.76 9.87
N PHE B 286 -12.40 -4.84 8.71
CA PHE B 286 -13.07 -5.12 7.42
C PHE B 286 -13.32 -6.63 7.41
N GLN B 287 -14.48 -7.01 7.95
CA GLN B 287 -14.91 -8.39 8.16
C GLN B 287 -15.49 -8.90 6.84
N GLU B 288 -14.58 -9.23 5.91
CA GLU B 288 -14.87 -9.72 4.56
C GLU B 288 -15.16 -11.23 4.53
N SER B 289 -14.85 -11.92 5.63
CA SER B 289 -15.00 -13.36 5.82
C SER B 289 -15.03 -13.63 7.32
N TYR B 290 -15.36 -14.86 7.71
CA TYR B 290 -15.35 -15.30 9.11
C TYR B 290 -14.48 -16.55 9.22
N SER B 291 -13.75 -16.89 8.13
CA SER B 291 -12.86 -18.05 8.04
C SER B 291 -11.60 -17.89 8.88
N SER B 292 -11.15 -19.00 9.49
CA SER B 292 -9.93 -19.06 10.29
C SER B 292 -8.70 -19.17 9.39
N LYS B 293 -8.94 -19.39 8.10
CA LYS B 293 -7.91 -19.56 7.07
C LYS B 293 -7.71 -18.29 6.23
N LYS B 294 -8.37 -17.19 6.59
CA LYS B 294 -8.24 -15.90 5.89
C LYS B 294 -7.77 -14.77 6.83
N LEU B 295 -7.17 -13.71 6.24
CA LEU B 295 -6.68 -12.54 6.98
C LEU B 295 -7.52 -11.33 6.71
N CYS B 296 -8.08 -10.74 7.79
CA CYS B 296 -8.95 -9.57 7.73
C CYS B 296 -8.20 -8.28 8.13
N THR B 297 -8.35 -7.22 7.32
CA THR B 297 -7.72 -5.91 7.49
C THR B 297 -8.40 -5.02 8.55
N LEU B 298 -7.60 -4.20 9.24
CA LEU B 298 -8.06 -3.21 10.22
C LEU B 298 -8.11 -1.80 9.57
N ALA B 299 -9.17 -1.05 9.89
CA ALA B 299 -9.38 0.30 9.39
C ALA B 299 -8.58 1.31 10.25
N ILE B 300 -7.42 0.87 10.75
CA ILE B 300 -6.48 1.61 11.59
C ILE B 300 -5.05 1.44 11.01
N HIS B 301 -4.33 2.53 10.82
CA HIS B 301 -2.97 2.47 10.28
C HIS B 301 -2.08 3.50 10.96
N ALA B 302 -0.79 3.55 10.59
CA ALA B 302 0.10 4.55 11.18
C ALA B 302 0.39 5.64 10.18
N MET B 303 0.50 6.87 10.67
CA MET B 303 0.81 8.08 9.92
C MET B 303 1.62 8.93 10.85
N ASP B 304 2.79 9.35 10.40
CA ASP B 304 3.53 10.28 11.25
C ASP B 304 3.31 11.66 10.64
N ILE B 305 2.37 12.42 11.21
CA ILE B 305 2.05 13.75 10.71
C ILE B 305 3.12 14.73 11.22
N PRO B 306 3.81 15.43 10.30
CA PRO B 306 4.89 16.32 10.75
C PRO B 306 4.39 17.64 11.31
N PRO B 307 5.19 18.30 12.20
CA PRO B 307 4.80 19.63 12.68
C PRO B 307 4.55 20.66 11.56
N PRO B 308 3.81 21.77 11.79
CA PRO B 308 3.20 22.25 13.06
C PRO B 308 2.00 21.45 13.56
N THR B 309 1.25 20.81 12.64
CA THR B 309 0.06 20.00 12.93
C THR B 309 0.35 18.74 13.77
N GLY B 310 1.31 17.94 13.34
CA GLY B 310 1.68 16.71 14.04
C GLY B 310 2.77 16.92 15.09
N PRO B 311 3.12 15.92 15.92
CA PRO B 311 2.58 14.54 16.00
C PRO B 311 1.11 14.55 16.45
N THR B 312 0.26 13.79 15.75
CA THR B 312 -1.17 13.74 16.00
C THR B 312 -1.84 12.45 15.51
N TRP B 313 -2.95 12.11 16.17
CA TRP B 313 -3.84 11.08 15.70
C TRP B 313 -4.73 11.78 14.66
N ALA B 314 -5.35 11.01 13.78
CA ALA B 314 -6.30 11.56 12.82
C ALA B 314 -7.51 10.64 12.87
N LEU B 315 -8.69 11.22 13.11
CA LEU B 315 -9.94 10.48 13.18
C LEU B 315 -10.65 10.63 11.84
N GLY B 316 -10.45 9.67 10.97
CA GLY B 316 -11.00 9.66 9.63
C GLY B 316 -12.33 8.96 9.54
N ALA B 317 -12.67 8.47 8.32
CA ALA B 317 -13.94 7.80 8.02
C ALA B 317 -14.31 6.67 8.99
N THR B 318 -13.29 5.95 9.51
CA THR B 318 -13.46 4.84 10.47
C THR B 318 -14.17 5.33 11.74
N PHE B 319 -13.76 6.49 12.25
CA PHE B 319 -14.35 7.12 13.43
C PHE B 319 -15.72 7.76 13.07
N ILE B 320 -15.75 8.58 12.01
CA ILE B 320 -16.93 9.28 11.50
C ILE B 320 -18.12 8.35 11.18
N ARG B 321 -17.88 7.13 10.65
CA ARG B 321 -18.97 6.16 10.42
C ARG B 321 -19.71 5.88 11.72
N LYS B 322 -18.97 5.75 12.84
CA LYS B 322 -19.55 5.50 14.16
C LYS B 322 -20.21 6.74 14.76
N PHE B 323 -19.53 7.89 14.67
CA PHE B 323 -19.98 9.14 15.24
C PHE B 323 -20.21 10.26 14.22
N TYR B 324 -21.50 10.61 14.01
CA TYR B 324 -21.98 11.69 13.18
C TYR B 324 -21.24 12.94 13.72
N THR B 325 -20.59 13.71 12.86
CA THR B 325 -19.74 14.83 13.27
C THR B 325 -20.26 16.19 12.84
N GLU B 326 -20.21 17.15 13.76
CA GLU B 326 -20.61 18.53 13.55
C GLU B 326 -19.38 19.42 13.76
N PHE B 327 -19.11 20.28 12.76
CA PHE B 327 -17.97 21.18 12.79
C PHE B 327 -18.52 22.58 12.99
N ASP B 328 -18.35 23.12 14.20
CA ASP B 328 -18.91 24.40 14.58
C ASP B 328 -17.91 25.52 14.43
N ARG B 329 -18.10 26.33 13.38
CA ARG B 329 -17.25 27.48 13.13
C ARG B 329 -17.52 28.60 14.09
N ARG B 330 -18.80 28.81 14.50
CA ARG B 330 -19.18 29.89 15.44
C ARG B 330 -18.49 29.78 16.78
N ASN B 331 -18.54 28.58 17.37
CA ASN B 331 -17.98 28.29 18.69
C ASN B 331 -16.60 27.70 18.72
N ASN B 332 -16.04 27.34 17.51
CA ASN B 332 -14.71 26.69 17.35
C ASN B 332 -14.67 25.43 18.18
N ARG B 333 -15.54 24.50 17.79
CA ARG B 333 -15.68 23.25 18.51
C ARG B 333 -16.18 22.17 17.57
N ILE B 334 -16.03 20.91 17.98
CA ILE B 334 -16.51 19.74 17.21
C ILE B 334 -17.50 18.99 18.10
N GLY B 335 -18.60 18.52 17.52
CA GLY B 335 -19.59 17.74 18.25
C GLY B 335 -19.75 16.34 17.70
N PHE B 336 -19.93 15.37 18.58
CA PHE B 336 -20.13 14.00 18.15
C PHE B 336 -21.41 13.43 18.71
N ALA B 337 -22.10 12.63 17.89
CA ALA B 337 -23.30 11.94 18.34
C ALA B 337 -23.25 10.57 17.66
N LEU B 338 -23.82 9.52 18.27
CA LEU B 338 -23.82 8.20 17.66
C LEU B 338 -24.59 8.26 16.35
N ALA B 339 -24.01 7.74 15.26
CA ALA B 339 -24.67 7.72 13.95
C ALA B 339 -25.67 6.57 13.80
N ARG B 340 -26.75 6.79 13.06
CA ARG B 340 -27.76 5.74 12.75
C ARG B 340 -28.13 5.73 11.26
C1 NAG C . -7.52 -31.52 -7.94
C2 NAG C . -8.52 -32.66 -7.71
C3 NAG C . -8.22 -33.34 -6.37
C4 NAG C . -6.77 -33.81 -6.31
C5 NAG C . -5.82 -32.63 -6.57
C6 NAG C . -4.38 -33.06 -6.67
C7 NAG C . -10.71 -32.29 -8.77
C8 NAG C . -12.11 -31.80 -8.56
N2 NAG C . -9.87 -32.15 -7.73
O3 NAG C . -9.09 -34.45 -6.20
O4 NAG C . -6.47 -34.40 -5.06
O5 NAG C . -6.16 -32.00 -7.82
O6 NAG C . -3.48 -31.96 -6.56
O7 NAG C . -10.37 -32.82 -9.82
C1 0LU D . 6.11 -9.90 -5.61
C2 0LU D . 6.46 -8.38 -5.65
C3 0LU D . 4.82 -10.38 -5.29
C4 0LU D . 7.12 -10.86 -5.87
C5 0LU D . 5.31 -7.51 -6.18
C6 0LU D . 6.83 -7.93 -4.23
S7 0LU D . 3.51 -9.25 -4.95
C8 0LU D . 4.53 -11.76 -5.21
C9 0LU D . 6.84 -12.23 -5.78
C10 0LU D . 3.96 -7.82 -5.90
C11 0LU D . 5.62 -6.35 -6.92
C12 0LU D . 7.83 -6.75 -4.22
C13 0LU D . 5.55 -12.69 -5.43
C14 0LU D . 2.94 -7.00 -6.38
C15 0LU D . 4.59 -5.54 -7.40
C16 0LU D . 7.14 -5.48 -3.67
O17 0LU D . 8.94 -7.14 -3.39
C18 0LU D . 3.26 -5.86 -7.13
N19 0LU D . 8.07 -4.55 -2.96
C20 0LU D . 8.39 -3.25 -3.59
C21 0LU D . 7.90 -4.30 -1.53
C22 0LU D . 9.09 -2.45 -2.47
C23 0LU D . 9.16 -3.44 -1.28
C1 0LU E . 5.48 -0.69 -4.95
C2 0LU E . 6.28 0.46 -5.62
C3 0LU E . 4.92 -0.56 -3.65
C4 0LU E . 5.28 -1.90 -5.66
C5 0LU E . 5.61 1.82 -5.31
C6 0LU E . 7.78 0.39 -5.16
S7 0LU E . 5.09 0.94 -2.70
C8 0LU E . 4.19 -1.63 -3.08
C9 0LU E . 4.54 -2.95 -5.09
C10 0LU E . 5.05 2.12 -4.04
C11 0LU E . 5.50 2.79 -6.35
C12 0LU E . 8.82 1.22 -5.99
C13 0LU E . 4.00 -2.82 -3.80
C14 0LU E . 4.42 3.37 -3.81
C15 0LU E . 4.88 4.04 -6.10
C16 0LU E . 10.24 1.21 -5.34
O17 0LU E . 8.89 0.73 -7.34
C18 0LU E . 4.35 4.33 -4.83
N19 0LU E . 11.20 2.30 -5.72
C20 0LU E . 12.60 2.12 -5.24
C21 0LU E . 11.38 2.77 -7.11
C22 0LU E . 13.48 1.90 -6.49
C23 0LU E . 12.50 1.87 -7.67
S SO4 F . 11.37 -9.86 -7.96
O1 SO4 F . 10.24 -9.17 -7.26
O2 SO4 F . 12.69 -9.43 -7.43
O3 SO4 F . 11.28 -11.30 -7.81
O4 SO4 F . 11.32 -9.67 -9.37
C1 NAG G . -5.67 36.61 -8.50
C2 NAG G . -5.14 38.00 -8.85
C3 NAG G . -4.39 38.59 -7.65
C4 NAG G . -5.29 38.58 -6.41
C5 NAG G . -5.76 37.15 -6.13
C6 NAG G . -6.70 37.03 -4.95
C7 NAG G . -4.66 38.26 -11.26
C8 NAG G . -3.62 38.10 -12.32
N2 NAG G . -4.27 37.94 -10.02
O3 NAG G . -3.96 39.90 -7.95
O4 NAG G . -4.60 39.12 -5.29
O5 NAG G . -6.44 36.63 -7.28
O6 NAG G . -6.82 35.68 -4.50
O7 NAG G . -5.80 38.63 -11.52
C1 0LW H . -7.37 12.02 -0.63
C2 0LW H . -7.39 10.47 -0.54
C3 0LW H . -6.55 12.71 -1.54
C4 0LW H . -8.16 12.78 0.28
C5 0LW H . -7.16 9.76 -1.88
C6 0LW H . -6.20 10.03 0.39
S7 0LW H . -5.49 11.85 -2.67
C8 0LW H . -6.49 14.12 -1.54
C9 0LW H . -8.10 14.19 0.28
C10 0LW H . -6.31 10.29 -2.88
C11 0LW H . -7.76 8.50 -2.12
C12 0LW H . -6.35 10.24 1.92
C13 0LW H . -7.27 14.86 -0.63
C14 0LW H . -6.09 9.60 -4.10
C15 0LW H . -7.55 7.81 -3.34
C16 0LW H . -4.95 10.22 2.59
O17 0LW H . -7.22 9.26 2.51
C18 0LW H . -6.71 8.35 -4.32
N19 0LW H . -5.02 10.47 4.05
C20 0LW H . -5.44 11.84 4.48
C21 0LW H . -3.83 10.08 4.85
C22 0LW H . -4.50 12.25 5.64
C23 0LW H . -3.99 10.89 6.16
S SO4 I . -12.40 10.37 1.96
O1 SO4 I . -12.41 11.77 2.23
O2 SO4 I . -12.51 9.64 3.28
O3 SO4 I . -13.59 10.16 1.14
O4 SO4 I . -11.14 10.03 1.24
#